data_9JHZ
#
_entry.id   9JHZ
#
_cell.length_a   90.562
_cell.length_b   90.562
_cell.length_c   212.496
_cell.angle_alpha   90.00
_cell.angle_beta   90.00
_cell.angle_gamma   120.00
#
_symmetry.space_group_name_H-M   'P 32 1 2'
#
loop_
_entity.id
_entity.type
_entity.pdbx_description
1 polymer '3-hydroxyacyl-CoA dehydrogenase, NAD binding domain protein'
2 non-polymer 'ACETOACETYL-COENZYME A'
3 non-polymer NICOTINAMIDE-ADENINE-DINUCLEOTIDE
4 water water
#
_entity_poly.entity_id   1
_entity_poly.type   'polypeptide(L)'
_entity_poly.pdbx_seq_one_letter_code
;AMKIGVIGAGTMGQGIAKAFAQVEGNTVALCDIKQEWAENGLAKIKKGYEKLVAKGKIPQEKADAIVAAITPGLKENLCA
DCDLIVEAAFEDMKVKQTTFGELDKICKPECIFASNTASLSITEIGKGLSRPLVGMHFFNPADRMKLIEVIAGCNTPAET
VEKIKEISVAIGKNPVQVNEAAGFVVNRILIPMINEAAFIKMEGVSDIAGIDTAMKLGANHPMGPLELGDFIGLDICLAI
MDVLYHETGDSKYRACPLIRKMVRGGNLGCKTGKGFYVYNADRTKTPVDQL
;
_entity_poly.pdbx_strand_id   C,A,B
#
loop_
_chem_comp.id
_chem_comp.type
_chem_comp.name
_chem_comp.formula
CAA non-polymer 'ACETOACETYL-COENZYME A' 'C25 H40 N7 O18 P3 S'
NAD non-polymer NICOTINAMIDE-ADENINE-DINUCLEOTIDE 'C21 H27 N7 O14 P2'
#
# COMPACT_ATOMS: atom_id res chain seq x y z
N ALA A 1 28.36 35.13 7.14
CA ALA A 1 29.44 34.66 6.27
C ALA A 1 29.64 33.15 6.41
N MET A 2 29.27 32.40 5.37
CA MET A 2 29.43 30.96 5.37
C MET A 2 29.54 30.42 3.95
N LYS A 3 30.45 29.47 3.76
CA LYS A 3 30.65 28.79 2.48
C LYS A 3 30.10 27.38 2.59
N ILE A 4 29.15 27.04 1.72
CA ILE A 4 28.44 25.77 1.77
C ILE A 4 28.69 25.00 0.48
N GLY A 5 29.11 23.75 0.60
CA GLY A 5 29.24 22.88 -0.55
C GLY A 5 28.15 21.83 -0.62
N VAL A 6 27.41 21.80 -1.73
CA VAL A 6 26.33 20.85 -1.97
C VAL A 6 26.81 19.85 -3.02
N ILE A 7 26.92 18.58 -2.64
CA ILE A 7 27.45 17.55 -3.52
C ILE A 7 26.28 16.82 -4.16
N GLY A 8 26.07 17.03 -5.46
CA GLY A 8 24.93 16.47 -6.16
C GLY A 8 24.04 17.57 -6.72
N ALA A 9 23.86 17.57 -8.04
CA ALA A 9 23.16 18.67 -8.71
C ALA A 9 21.76 18.26 -9.19
N GLY A 10 21.24 17.13 -8.72
CA GLY A 10 19.90 16.71 -9.09
C GLY A 10 18.82 17.55 -8.43
N THR A 11 17.62 16.98 -8.31
CA THR A 11 16.49 17.72 -7.75
C THR A 11 16.81 18.21 -6.34
N MET A 12 17.14 17.28 -5.44
CA MET A 12 17.36 17.65 -4.04
C MET A 12 18.56 18.57 -3.88
N GLY A 13 19.64 18.30 -4.62
CA GLY A 13 20.81 19.17 -4.53
C GLY A 13 20.51 20.60 -4.93
N GLN A 14 19.70 20.77 -5.98
CA GLN A 14 19.31 22.12 -6.40
C GLN A 14 18.54 22.83 -5.30
N GLY A 15 17.55 22.15 -4.72
CA GLY A 15 16.75 22.78 -3.68
C GLY A 15 17.55 23.12 -2.43
N ILE A 16 18.53 22.29 -2.08
CA ILE A 16 19.38 22.56 -0.94
C ILE A 16 20.29 23.75 -1.22
N ALA A 17 20.85 23.81 -2.42
CA ALA A 17 21.65 24.97 -2.81
C ALA A 17 20.83 26.24 -2.74
N LYS A 18 19.58 26.19 -3.20
CA LYS A 18 18.69 27.35 -3.12
C LYS A 18 18.39 27.70 -1.65
N ALA A 19 18.28 26.69 -0.79
CA ALA A 19 17.94 26.95 0.60
C ALA A 19 19.02 27.76 1.29
N PHE A 20 20.29 27.46 1.02
CA PHE A 20 21.39 28.22 1.61
C PHE A 20 21.60 29.56 0.91
N ALA A 21 21.45 29.59 -0.42
CA ALA A 21 21.71 30.80 -1.19
C ALA A 21 20.67 31.89 -0.94
N GLN A 22 19.49 31.53 -0.43
CA GLN A 22 18.49 32.53 -0.11
C GLN A 22 18.92 33.43 1.03
N VAL A 23 19.72 32.91 1.96
CA VAL A 23 20.11 33.66 3.14
C VAL A 23 21.33 34.50 2.81
N GLU A 24 21.26 35.80 3.10
CA GLU A 24 22.36 36.70 2.81
C GLU A 24 23.60 36.31 3.62
N GLY A 25 24.76 36.34 2.96
CA GLY A 25 26.01 35.94 3.57
C GLY A 25 26.45 34.54 3.25
N ASN A 26 25.64 33.76 2.55
CA ASN A 26 25.95 32.38 2.21
C ASN A 26 26.35 32.27 0.75
N THR A 27 27.38 31.47 0.49
CA THR A 27 27.77 31.12 -0.87
C THR A 27 27.76 29.61 -1.01
N VAL A 28 27.28 29.13 -2.15
CA VAL A 28 27.08 27.70 -2.37
C VAL A 28 27.97 27.26 -3.53
N ALA A 29 28.72 26.19 -3.31
CA ALA A 29 29.41 25.47 -4.37
C ALA A 29 28.55 24.25 -4.70
N LEU A 30 27.90 24.29 -5.87
CA LEU A 30 27.03 23.19 -6.32
C LEU A 30 27.87 22.26 -7.20
N CYS A 31 28.27 21.12 -6.64
CA CYS A 31 29.20 20.24 -7.30
C CYS A 31 28.51 18.97 -7.80
N ASP A 32 29.14 18.33 -8.78
CA ASP A 32 28.71 17.02 -9.23
C ASP A 32 29.93 16.29 -9.80
N ILE A 33 29.69 15.08 -10.32
CA ILE A 33 30.81 14.27 -10.82
C ILE A 33 31.41 14.89 -12.07
N LYS A 34 30.57 15.33 -13.00
CA LYS A 34 31.02 16.00 -14.22
C LYS A 34 30.62 17.47 -14.18
N GLN A 35 31.53 18.32 -14.68
CA GLN A 35 31.30 19.75 -14.63
C GLN A 35 30.03 20.15 -15.37
N GLU A 36 29.76 19.53 -16.52
CA GLU A 36 28.56 19.85 -17.26
C GLU A 36 27.31 19.53 -16.45
N TRP A 37 27.36 18.50 -15.61
CA TRP A 37 26.21 18.13 -14.78
C TRP A 37 25.85 19.24 -13.80
N ALA A 38 26.86 19.85 -13.17
CA ALA A 38 26.60 20.94 -12.25
C ALA A 38 26.11 22.18 -12.99
N GLU A 39 26.62 22.40 -14.20
CA GLU A 39 26.14 23.51 -15.01
C GLU A 39 24.67 23.32 -15.36
N ASN A 40 24.28 22.10 -15.74
CA ASN A 40 22.87 21.83 -15.99
C ASN A 40 22.04 22.01 -14.73
N GLY A 41 22.62 21.70 -13.56
CA GLY A 41 21.90 21.93 -12.31
C GLY A 41 21.61 23.39 -12.08
N LEU A 42 22.63 24.25 -12.22
CA LEU A 42 22.41 25.68 -12.03
C LEU A 42 21.51 26.24 -13.11
N ALA A 43 21.62 25.73 -14.34
CA ALA A 43 20.72 26.17 -15.41
C ALA A 43 19.28 25.79 -15.08
N LYS A 44 19.08 24.62 -14.46
CA LYS A 44 17.73 24.24 -14.03
C LYS A 44 17.23 25.15 -12.91
N ILE A 45 18.13 25.58 -12.01
CA ILE A 45 17.76 26.56 -11.01
C ILE A 45 17.39 27.89 -11.67
N LYS A 46 18.21 28.33 -12.62
CA LYS A 46 17.94 29.56 -13.33
C LYS A 46 16.63 29.48 -14.10
N LYS A 47 16.39 28.35 -14.77
CA LYS A 47 15.16 28.19 -15.53
C LYS A 47 13.94 28.19 -14.63
N GLY A 48 14.06 27.60 -13.44
CA GLY A 48 12.94 27.59 -12.51
C GLY A 48 12.61 28.99 -12.00
N TYR A 49 13.64 29.79 -11.72
CA TYR A 49 13.39 31.14 -11.21
C TYR A 49 12.75 32.02 -12.27
N GLU A 50 13.07 31.80 -13.55
CA GLU A 50 12.45 32.59 -14.60
C GLU A 50 10.94 32.35 -14.68
N LYS A 51 10.49 31.16 -14.27
CA LYS A 51 9.05 30.89 -14.27
C LYS A 51 8.36 31.59 -13.10
N LEU A 52 8.95 31.55 -11.91
CA LEU A 52 8.37 32.22 -10.76
C LEU A 52 8.31 33.73 -10.96
N VAL A 53 9.29 34.31 -11.67
CA VAL A 53 9.24 35.73 -11.99
C VAL A 53 8.06 36.03 -12.91
N ALA A 54 7.85 35.17 -13.91
CA ALA A 54 6.73 35.38 -14.84
C ALA A 54 5.40 35.30 -14.13
N LYS A 55 5.23 34.32 -13.24
CA LYS A 55 4.01 34.21 -12.44
C LYS A 55 3.94 35.23 -11.31
N GLY A 56 4.94 36.09 -11.19
CA GLY A 56 4.89 37.18 -10.23
C GLY A 56 5.00 36.78 -8.78
N LYS A 57 5.71 35.70 -8.48
CA LYS A 57 5.86 35.23 -7.10
C LYS A 57 7.25 35.49 -6.53
N ILE A 58 8.16 36.06 -7.31
CA ILE A 58 9.50 36.40 -6.83
C ILE A 58 10.00 37.58 -7.66
N PRO A 59 10.69 38.55 -7.07
CA PRO A 59 11.29 39.61 -7.88
C PRO A 59 12.52 39.12 -8.61
N GLN A 60 12.72 39.66 -9.82
CA GLN A 60 13.87 39.27 -10.62
C GLN A 60 15.19 39.51 -9.90
N GLU A 61 15.27 40.58 -9.10
CA GLU A 61 16.50 40.87 -8.36
C GLU A 61 16.82 39.74 -7.39
N LYS A 62 15.82 39.25 -6.66
CA LYS A 62 16.05 38.19 -5.68
C LYS A 62 16.52 36.91 -6.36
N ALA A 63 15.88 36.56 -7.48
CA ALA A 63 16.34 35.41 -8.27
C ALA A 63 17.79 35.59 -8.71
N ASP A 64 18.12 36.78 -9.23
CA ASP A 64 19.50 37.04 -9.67
C ASP A 64 20.45 36.98 -8.49
N ALA A 65 20.07 37.57 -7.35
CA ALA A 65 20.92 37.54 -6.17
C ALA A 65 21.15 36.11 -5.69
N ILE A 66 20.11 35.27 -5.75
CA ILE A 66 20.26 33.88 -5.33
C ILE A 66 21.18 33.13 -6.27
N VAL A 67 20.98 33.30 -7.58
CA VAL A 67 21.79 32.60 -8.57
C VAL A 67 23.25 33.02 -8.47
N ALA A 68 23.49 34.31 -8.21
CA ALA A 68 24.86 34.80 -8.14
C ALA A 68 25.63 34.22 -6.96
N ALA A 69 24.94 33.63 -6.00
CA ALA A 69 25.60 32.99 -4.86
C ALA A 69 25.94 31.52 -5.10
N ILE A 70 25.53 30.95 -6.23
CA ILE A 70 25.75 29.54 -6.51
C ILE A 70 26.79 29.41 -7.62
N THR A 71 27.85 28.65 -7.35
CA THR A 71 28.92 28.42 -8.30
C THR A 71 28.99 26.92 -8.62
N PRO A 72 28.89 26.52 -9.89
CA PRO A 72 29.00 25.11 -10.24
C PRO A 72 30.45 24.70 -10.50
N GLY A 73 30.74 23.44 -10.21
CA GLY A 73 32.09 22.94 -10.43
C GLY A 73 32.30 21.58 -9.80
N LEU A 74 33.56 21.32 -9.46
CA LEU A 74 33.98 20.04 -8.88
C LEU A 74 34.43 20.25 -7.44
N LYS A 75 34.16 19.23 -6.60
CA LYS A 75 34.49 19.34 -5.19
C LYS A 75 36.00 19.47 -4.96
N GLU A 76 36.81 18.94 -5.88
CA GLU A 76 38.25 19.13 -5.78
C GLU A 76 38.64 20.59 -5.94
N ASN A 77 37.83 21.37 -6.67
CA ASN A 77 38.17 22.75 -6.98
C ASN A 77 37.52 23.77 -6.05
N LEU A 78 36.37 23.45 -5.46
CA LEU A 78 35.57 24.46 -4.77
C LEU A 78 35.33 24.21 -3.29
N CYS A 79 35.74 23.06 -2.74
CA CYS A 79 35.33 22.69 -1.39
C CYS A 79 36.48 22.71 -0.38
N ALA A 80 37.60 23.32 -0.72
CA ALA A 80 38.73 23.35 0.21
C ALA A 80 38.40 24.16 1.46
N ASP A 81 37.90 25.38 1.28
CA ASP A 81 37.57 26.27 2.40
C ASP A 81 36.05 26.29 2.66
N CYS A 82 35.39 25.15 2.55
CA CYS A 82 33.97 25.08 2.87
C CYS A 82 33.77 24.91 4.37
N ASP A 83 32.70 25.49 4.88
CA ASP A 83 32.34 25.33 6.28
C ASP A 83 31.33 24.21 6.52
N LEU A 84 30.58 23.82 5.50
CA LEU A 84 29.61 22.73 5.62
C LEU A 84 29.49 22.03 4.27
N ILE A 85 29.43 20.70 4.31
CA ILE A 85 29.20 19.88 3.13
C ILE A 85 27.86 19.18 3.33
N VAL A 86 26.92 19.40 2.41
CA VAL A 86 25.64 18.69 2.41
C VAL A 86 25.60 17.86 1.13
N GLU A 87 25.83 16.56 1.24
CA GLU A 87 25.77 15.71 0.06
C GLU A 87 24.33 15.31 -0.23
N ALA A 88 23.96 15.35 -1.50
CA ALA A 88 22.61 15.00 -1.92
C ALA A 88 22.68 14.30 -3.28
N ALA A 89 23.57 13.33 -3.40
CA ALA A 89 23.77 12.61 -4.65
C ALA A 89 22.88 11.37 -4.69
N PHE A 90 23.17 10.47 -5.64
CA PHE A 90 22.35 9.27 -5.81
C PHE A 90 22.47 8.37 -4.59
N GLU A 91 21.34 7.78 -4.19
CA GLU A 91 21.27 6.94 -3.00
C GLU A 91 21.93 5.59 -3.27
N ASP A 92 23.26 5.59 -3.18
CA ASP A 92 24.06 4.38 -3.27
C ASP A 92 25.14 4.44 -2.20
N MET A 93 25.27 3.37 -1.42
CA MET A 93 26.17 3.39 -0.27
C MET A 93 27.61 3.65 -0.69
N LYS A 94 28.14 2.86 -1.63
CA LYS A 94 29.54 2.98 -2.02
C LYS A 94 29.86 4.37 -2.57
N VAL A 95 28.94 4.94 -3.35
CA VAL A 95 29.17 6.28 -3.90
C VAL A 95 29.30 7.30 -2.77
N LYS A 96 28.51 7.13 -1.71
CA LYS A 96 28.55 8.08 -0.60
C LYS A 96 29.83 7.95 0.21
N GLN A 97 30.28 6.72 0.47
CA GLN A 97 31.52 6.54 1.20
C GLN A 97 32.71 7.03 0.39
N THR A 98 32.66 6.87 -0.94
CA THR A 98 33.73 7.37 -1.78
C THR A 98 33.76 8.91 -1.78
N THR A 99 32.59 9.53 -1.93
CA THR A 99 32.52 10.99 -1.93
C THR A 99 33.09 11.57 -0.63
N PHE A 100 32.64 11.03 0.51
CA PHE A 100 33.10 11.58 1.78
C PHE A 100 34.56 11.21 2.07
N GLY A 101 35.01 10.05 1.58
CA GLY A 101 36.43 9.73 1.70
C GLY A 101 37.31 10.73 0.96
N GLU A 102 36.89 11.12 -0.25
CA GLU A 102 37.64 12.14 -0.99
C GLU A 102 37.51 13.50 -0.32
N LEU A 103 36.29 13.87 0.10
CA LEU A 103 36.09 15.16 0.76
C LEU A 103 36.87 15.27 2.05
N ASP A 104 37.19 14.14 2.70
CA ASP A 104 37.95 14.20 3.94
C ASP A 104 39.35 14.76 3.71
N LYS A 105 39.93 14.52 2.53
CA LYS A 105 41.24 15.05 2.19
C LYS A 105 41.19 16.47 1.62
N ILE A 106 40.11 16.82 0.93
CA ILE A 106 40.01 18.13 0.29
C ILE A 106 39.69 19.22 1.31
N CYS A 107 38.76 18.95 2.22
CA CYS A 107 38.19 20.01 3.06
C CYS A 107 39.06 20.31 4.27
N LYS A 108 39.01 21.58 4.71
CA LYS A 108 39.69 21.99 5.93
C LYS A 108 39.11 21.22 7.12
N PRO A 109 39.86 21.12 8.22
CA PRO A 109 39.38 20.33 9.37
C PRO A 109 38.11 20.87 10.00
N GLU A 110 37.88 22.18 9.97
CA GLU A 110 36.68 22.75 10.60
C GLU A 110 35.40 22.39 9.86
N CYS A 111 35.51 21.93 8.62
CA CYS A 111 34.33 21.69 7.80
C CYS A 111 33.47 20.57 8.39
N ILE A 112 32.16 20.81 8.45
CA ILE A 112 31.20 19.83 8.94
C ILE A 112 30.69 19.00 7.77
N PHE A 113 30.60 17.68 7.98
CA PHE A 113 30.15 16.75 6.96
C PHE A 113 28.71 16.32 7.24
N ALA A 114 27.80 16.64 6.31
CA ALA A 114 26.40 16.29 6.45
C ALA A 114 25.93 15.57 5.20
N SER A 115 24.87 14.78 5.34
CA SER A 115 24.27 14.06 4.22
C SER A 115 22.75 14.13 4.29
N ASN A 116 22.14 14.41 3.13
CA ASN A 116 20.70 14.52 2.98
C ASN A 116 20.02 13.17 2.73
N THR A 117 20.71 12.05 3.02
CA THR A 117 20.14 10.76 2.71
C THR A 117 18.84 10.52 3.50
N ALA A 118 17.95 9.74 2.91
CA ALA A 118 16.74 9.29 3.58
C ALA A 118 16.63 7.78 3.70
N SER A 119 17.35 7.02 2.87
CA SER A 119 17.23 5.56 2.83
C SER A 119 18.44 4.83 3.39
N LEU A 120 19.58 5.50 3.54
CA LEU A 120 20.82 4.85 3.93
C LEU A 120 21.22 5.26 5.34
N SER A 121 22.12 4.49 5.92
CA SER A 121 22.53 4.67 7.31
C SER A 121 23.59 5.76 7.42
N ILE A 122 23.28 6.81 8.19
CA ILE A 122 24.28 7.84 8.48
C ILE A 122 25.50 7.20 9.14
N THR A 123 25.27 6.22 10.00
CA THR A 123 26.37 5.58 10.71
C THR A 123 27.29 4.84 9.75
N GLU A 124 26.72 4.14 8.78
CA GLU A 124 27.52 3.32 7.88
C GLU A 124 28.24 4.16 6.83
N ILE A 125 27.65 5.27 6.41
CA ILE A 125 28.28 6.12 5.40
C ILE A 125 29.59 6.70 5.95
N GLY A 126 29.56 7.20 7.18
CA GLY A 126 30.71 7.87 7.74
C GLY A 126 31.57 7.01 8.64
N LYS A 127 31.62 5.70 8.36
CA LYS A 127 32.32 4.78 9.25
C LYS A 127 33.82 5.10 9.36
N GLY A 128 34.53 5.03 8.23
CA GLY A 128 35.97 5.18 8.26
C GLY A 128 36.51 6.59 8.20
N LEU A 129 35.66 7.61 8.40
CA LEU A 129 36.09 8.98 8.25
C LEU A 129 36.90 9.46 9.46
N SER A 130 37.61 10.56 9.26
CA SER A 130 38.41 11.19 10.31
C SER A 130 37.64 12.26 11.07
N ARG A 131 36.38 12.49 10.71
CA ARG A 131 35.57 13.53 11.34
C ARG A 131 34.13 13.05 11.37
N PRO A 132 33.28 13.66 12.20
CA PRO A 132 31.90 13.19 12.31
C PRO A 132 31.12 13.34 11.02
N LEU A 133 30.16 12.45 10.83
CA LEU A 133 29.20 12.52 9.75
C LEU A 133 27.81 12.58 10.37
N VAL A 134 27.01 13.56 9.94
CA VAL A 134 25.71 13.84 10.53
C VAL A 134 24.70 13.93 9.40
N GLY A 135 23.43 13.68 9.74
CA GLY A 135 22.34 13.78 8.78
C GLY A 135 21.67 15.14 8.88
N MET A 136 21.51 15.79 7.72
CA MET A 136 20.81 17.07 7.60
C MET A 136 19.78 16.85 6.51
N HIS A 137 18.56 16.49 6.89
CA HIS A 137 17.55 16.02 5.95
C HIS A 137 16.57 17.14 5.65
N PHE A 138 16.52 17.55 4.38
CA PHE A 138 15.60 18.57 3.89
C PHE A 138 14.37 17.90 3.27
N PHE A 139 13.39 18.72 2.93
CA PHE A 139 12.12 18.24 2.40
C PHE A 139 11.73 19.02 1.16
N ASN A 140 11.32 18.30 0.12
CA ASN A 140 11.02 18.91 -1.18
C ASN A 140 9.77 19.79 -1.08
N PRO A 141 9.85 21.06 -1.50
CA PRO A 141 11.03 21.81 -1.98
C PRO A 141 11.85 22.37 -0.83
N ALA A 142 13.18 22.14 -0.86
CA ALA A 142 14.02 22.44 0.31
C ALA A 142 14.07 23.94 0.62
N ASP A 143 13.92 24.79 -0.39
CA ASP A 143 14.00 26.23 -0.15
C ASP A 143 12.72 26.80 0.48
N ARG A 144 11.67 26.00 0.63
CA ARG A 144 10.41 26.47 1.19
C ARG A 144 9.95 25.68 2.40
N MET A 145 10.14 24.36 2.42
CA MET A 145 9.80 23.58 3.60
C MET A 145 10.76 23.93 4.74
N LYS A 146 10.20 24.22 5.91
CA LYS A 146 10.97 24.74 7.03
C LYS A 146 11.54 23.66 7.94
N LEU A 147 11.19 22.40 7.73
CA LEU A 147 11.67 21.32 8.57
C LEU A 147 13.03 20.82 8.11
N ILE A 148 13.90 20.56 9.08
CA ILE A 148 15.16 19.85 8.86
C ILE A 148 15.27 18.79 9.94
N GLU A 149 15.41 17.54 9.53
CA GLU A 149 15.67 16.45 10.47
C GLU A 149 17.18 16.30 10.62
N VAL A 150 17.68 16.50 11.84
CA VAL A 150 19.10 16.34 12.14
C VAL A 150 19.30 14.94 12.68
N ILE A 151 20.12 14.14 11.99
CA ILE A 151 20.24 12.71 12.26
C ILE A 151 21.56 12.45 12.96
N ALA A 152 21.49 11.95 14.19
CA ALA A 152 22.67 11.56 14.94
C ALA A 152 22.94 10.09 14.71
N GLY A 153 24.14 9.78 14.20
CA GLY A 153 24.56 8.41 14.02
C GLY A 153 25.01 7.79 15.33
N CYS A 154 25.51 6.56 15.23
CA CYS A 154 25.96 5.84 16.41
C CYS A 154 27.14 6.54 17.07
N ASN A 155 27.98 7.23 16.28
CA ASN A 155 29.17 7.87 16.82
C ASN A 155 29.21 9.38 16.58
N THR A 156 28.08 9.99 16.22
CA THR A 156 28.05 11.42 15.99
C THR A 156 28.08 12.17 17.33
N PRO A 157 29.08 13.01 17.57
CA PRO A 157 29.12 13.75 18.84
C PRO A 157 28.02 14.80 18.92
N ALA A 158 27.60 15.10 20.15
CA ALA A 158 26.48 16.01 20.34
C ALA A 158 26.78 17.41 19.84
N GLU A 159 28.06 17.80 19.80
CA GLU A 159 28.38 19.13 19.29
C GLU A 159 28.11 19.22 17.79
N THR A 160 28.44 18.16 17.04
CA THR A 160 28.14 18.14 15.62
C THR A 160 26.65 18.36 15.38
N VAL A 161 25.81 17.72 16.19
CA VAL A 161 24.36 17.88 16.04
C VAL A 161 23.95 19.30 16.39
N GLU A 162 24.55 19.87 17.44
CA GLU A 162 24.19 21.23 17.84
C GLU A 162 24.58 22.24 16.76
N LYS A 163 25.76 22.09 16.16
CA LYS A 163 26.15 22.97 15.08
C LYS A 163 25.15 22.94 13.93
N ILE A 164 24.71 21.73 13.54
CA ILE A 164 23.70 21.62 12.49
C ILE A 164 22.39 22.27 12.93
N LYS A 165 22.08 22.21 14.23
CA LYS A 165 20.89 22.87 14.75
C LYS A 165 20.99 24.39 14.58
N GLU A 166 22.14 24.98 14.91
CA GLU A 166 22.31 26.42 14.73
C GLU A 166 22.25 26.80 13.25
N ILE A 167 22.96 26.05 12.40
CA ILE A 167 22.95 26.34 10.96
C ILE A 167 21.52 26.31 10.43
N SER A 168 20.71 25.36 10.91
CA SER A 168 19.33 25.28 10.45
C SER A 168 18.53 26.49 10.89
N VAL A 169 18.72 26.93 12.14
CA VAL A 169 18.01 28.11 12.61
C VAL A 169 18.50 29.35 11.87
N ALA A 170 19.79 29.41 11.55
CA ALA A 170 20.33 30.58 10.87
C ALA A 170 19.77 30.72 9.45
N ILE A 171 19.38 29.62 8.80
CA ILE A 171 18.85 29.71 7.45
C ILE A 171 17.33 29.68 7.51
N GLY A 172 16.78 29.97 8.68
CA GLY A 172 15.35 30.07 8.83
C GLY A 172 14.60 28.75 8.79
N LYS A 173 15.19 27.68 9.32
CA LYS A 173 14.53 26.38 9.37
C LYS A 173 14.37 25.94 10.82
N ASN A 174 13.53 24.93 11.01
CA ASN A 174 13.24 24.42 12.35
C ASN A 174 13.86 23.04 12.53
N PRO A 175 15.01 22.94 13.17
CA PRO A 175 15.65 21.63 13.32
C PRO A 175 14.91 20.75 14.32
N VAL A 176 14.87 19.46 14.02
CA VAL A 176 14.34 18.43 14.91
C VAL A 176 15.39 17.33 15.02
N GLN A 177 15.78 17.00 16.24
CA GLN A 177 16.81 15.99 16.44
C GLN A 177 16.22 14.59 16.34
N VAL A 178 16.87 13.74 15.54
CA VAL A 178 16.44 12.38 15.30
C VAL A 178 17.64 11.46 15.48
N ASN A 179 17.51 10.47 16.36
CA ASN A 179 18.52 9.43 16.47
C ASN A 179 18.26 8.36 15.42
N GLU A 180 19.31 7.98 14.69
CA GLU A 180 19.17 7.24 13.43
C GLU A 180 18.29 6.00 13.58
N ALA A 181 17.19 6.00 12.83
CA ALA A 181 16.32 4.85 12.68
C ALA A 181 15.66 4.96 11.32
N ALA A 182 15.32 3.81 10.74
CA ALA A 182 14.73 3.80 9.40
C ALA A 182 13.54 4.73 9.32
N GLY A 183 13.48 5.53 8.25
CA GLY A 183 12.39 6.45 8.04
C GLY A 183 12.41 7.68 8.93
N PHE A 184 13.32 7.77 9.89
CA PHE A 184 13.41 8.91 10.80
C PHE A 184 12.06 9.15 11.47
N VAL A 185 11.48 10.34 11.29
CA VAL A 185 10.18 10.66 11.86
C VAL A 185 9.13 10.82 10.76
N VAL A 186 9.37 11.73 9.82
CA VAL A 186 8.33 12.12 8.87
C VAL A 186 8.02 10.97 7.90
N ASN A 187 9.05 10.45 7.24
CA ASN A 187 8.83 9.35 6.29
C ASN A 187 8.21 8.13 6.99
N ARG A 188 8.68 7.84 8.21
CA ARG A 188 8.17 6.67 8.92
C ARG A 188 6.69 6.78 9.26
N ILE A 189 6.19 7.99 9.45
CA ILE A 189 4.77 8.20 9.72
C ILE A 189 3.99 8.40 8.42
N LEU A 190 4.54 9.19 7.50
CA LEU A 190 3.77 9.64 6.34
C LEU A 190 3.58 8.54 5.29
N ILE A 191 4.62 7.74 5.05
CA ILE A 191 4.55 6.80 3.93
C ILE A 191 3.65 5.61 4.27
N PRO A 192 3.68 5.06 5.49
CA PRO A 192 2.65 4.07 5.85
C PRO A 192 1.23 4.61 5.70
N MET A 193 1.01 5.92 5.80
CA MET A 193 -0.30 6.50 5.49
C MET A 193 -0.74 6.13 4.08
N ILE A 194 0.07 6.54 3.10
CA ILE A 194 -0.21 6.27 1.69
C ILE A 194 -0.35 4.77 1.46
N ASN A 195 0.49 3.98 2.13
CA ASN A 195 0.40 2.54 2.01
C ASN A 195 -0.95 2.03 2.48
N GLU A 196 -1.42 2.52 3.63
CA GLU A 196 -2.71 2.08 4.16
C GLU A 196 -3.86 2.48 3.23
N ALA A 197 -3.79 3.69 2.67
CA ALA A 197 -4.83 4.10 1.73
C ALA A 197 -4.87 3.20 0.52
N ALA A 198 -3.70 2.77 0.05
CA ALA A 198 -3.65 1.84 -1.08
C ALA A 198 -4.28 0.50 -0.71
N PHE A 199 -3.98 -0.01 0.48
CA PHE A 199 -4.63 -1.23 0.95
C PHE A 199 -6.15 -1.07 0.99
N ILE A 200 -6.63 0.09 1.47
CA ILE A 200 -8.06 0.35 1.52
C ILE A 200 -8.67 0.27 0.13
N LYS A 201 -8.00 0.86 -0.86
CA LYS A 201 -8.47 0.79 -2.24
C LYS A 201 -8.38 -0.64 -2.78
N MET A 202 -7.25 -1.31 -2.57
CA MET A 202 -7.08 -2.66 -3.09
C MET A 202 -8.13 -3.61 -2.49
N GLU A 203 -8.44 -3.45 -1.21
CA GLU A 203 -9.42 -4.31 -0.56
C GLU A 203 -10.86 -3.88 -0.84
N GLY A 204 -11.08 -2.89 -1.71
CA GLY A 204 -12.43 -2.51 -2.10
C GLY A 204 -13.24 -1.83 -1.03
N VAL A 205 -12.60 -1.26 0.00
CA VAL A 205 -13.33 -0.60 1.06
C VAL A 205 -14.00 0.67 0.53
N SER A 206 -13.25 1.48 -0.20
CA SER A 206 -13.78 2.70 -0.81
C SER A 206 -13.02 2.96 -2.11
N ASP A 207 -13.40 4.02 -2.80
CA ASP A 207 -12.79 4.40 -4.06
C ASP A 207 -11.72 5.47 -3.85
N ILE A 208 -10.97 5.74 -4.92
CA ILE A 208 -9.79 6.60 -4.83
C ILE A 208 -10.19 8.01 -4.41
N ALA A 209 -11.09 8.63 -5.17
CA ALA A 209 -11.54 9.98 -4.82
C ALA A 209 -12.20 10.03 -3.45
N GLY A 210 -12.92 8.97 -3.09
CA GLY A 210 -13.49 8.91 -1.75
C GLY A 210 -12.42 8.90 -0.67
N ILE A 211 -11.42 8.03 -0.82
CA ILE A 211 -10.35 7.93 0.17
C ILE A 211 -9.68 9.27 0.37
N ASP A 212 -9.39 9.97 -0.74
CA ASP A 212 -8.70 11.26 -0.63
C ASP A 212 -9.63 12.32 -0.04
N THR A 213 -10.89 12.34 -0.48
CA THR A 213 -11.86 13.29 0.07
C THR A 213 -12.02 13.08 1.58
N ALA A 214 -12.06 11.82 2.01
CA ALA A 214 -12.24 11.54 3.43
C ALA A 214 -11.07 12.08 4.25
N MET A 215 -9.85 11.92 3.76
CA MET A 215 -8.70 12.38 4.54
C MET A 215 -8.58 13.89 4.51
N LYS A 216 -9.08 14.53 3.46
CA LYS A 216 -9.01 15.99 3.39
C LYS A 216 -10.05 16.64 4.29
N LEU A 217 -11.27 16.14 4.29
CA LEU A 217 -12.34 16.72 5.11
C LEU A 217 -12.37 16.14 6.52
N GLY A 218 -12.10 14.84 6.67
CA GLY A 218 -12.20 14.22 7.99
C GLY A 218 -11.03 14.49 8.90
N ALA A 219 -9.82 14.59 8.34
CA ALA A 219 -8.63 14.84 9.12
C ALA A 219 -8.02 16.20 8.87
N ASN A 220 -8.64 17.02 8.01
CA ASN A 220 -8.15 18.36 7.69
C ASN A 220 -6.73 18.32 7.13
N HIS A 221 -6.44 17.28 6.31
CA HIS A 221 -5.14 17.21 5.67
C HIS A 221 -5.13 18.01 4.37
N PRO A 222 -3.99 18.58 3.98
CA PRO A 222 -3.97 19.38 2.75
C PRO A 222 -4.18 18.56 1.49
N MET A 223 -3.62 17.36 1.44
CA MET A 223 -3.80 16.45 0.31
C MET A 223 -4.28 15.11 0.82
N GLY A 224 -5.04 14.41 -0.02
CA GLY A 224 -5.36 13.02 0.22
C GLY A 224 -4.10 12.18 0.14
N PRO A 225 -4.11 11.02 0.80
CA PRO A 225 -2.91 10.17 0.80
C PRO A 225 -2.56 9.62 -0.57
N LEU A 226 -3.56 9.33 -1.41
CA LEU A 226 -3.28 8.80 -2.74
C LEU A 226 -2.82 9.90 -3.69
N GLU A 227 -3.50 11.06 -3.65
CA GLU A 227 -2.99 12.27 -4.29
C GLU A 227 -1.53 12.50 -3.91
N LEU A 228 -1.23 12.40 -2.61
CA LEU A 228 0.11 12.66 -2.11
C LEU A 228 1.11 11.63 -2.64
N GLY A 229 0.69 10.36 -2.73
CA GLY A 229 1.59 9.34 -3.26
C GLY A 229 1.95 9.59 -4.71
N ASP A 230 0.98 10.05 -5.51
CA ASP A 230 1.27 10.42 -6.89
C ASP A 230 2.24 11.59 -6.95
N PHE A 231 2.02 12.59 -6.09
CA PHE A 231 2.86 13.79 -6.10
C PHE A 231 4.28 13.45 -5.65
N ILE A 232 4.42 12.71 -4.55
CA ILE A 232 5.74 12.32 -4.07
C ILE A 232 6.42 11.41 -5.08
N GLY A 233 5.65 10.53 -5.73
CA GLY A 233 6.22 9.54 -6.61
C GLY A 233 6.04 8.15 -6.04
N LEU A 234 5.26 7.30 -6.72
CA LEU A 234 4.96 5.98 -6.17
C LEU A 234 6.20 5.10 -6.10
N ASP A 235 7.15 5.29 -7.02
CA ASP A 235 8.40 4.56 -6.93
C ASP A 235 9.15 4.90 -5.65
N ILE A 236 9.08 6.17 -5.23
CA ILE A 236 9.74 6.57 -3.99
C ILE A 236 8.99 6.02 -2.78
N CYS A 237 7.66 6.05 -2.81
CA CYS A 237 6.88 5.48 -1.71
C CYS A 237 7.16 3.98 -1.58
N LEU A 238 7.26 3.27 -2.70
CA LEU A 238 7.55 1.84 -2.65
C LEU A 238 8.91 1.58 -2.04
N ALA A 239 9.90 2.40 -2.40
CA ALA A 239 11.26 2.22 -1.87
C ALA A 239 11.31 2.50 -0.37
N ILE A 240 10.58 3.51 0.09
CA ILE A 240 10.55 3.81 1.51
C ILE A 240 9.88 2.66 2.27
N MET A 241 8.73 2.19 1.76
CA MET A 241 8.06 1.07 2.39
C MET A 241 8.98 -0.15 2.48
N ASP A 242 9.71 -0.45 1.42
CA ASP A 242 10.60 -1.61 1.42
C ASP A 242 11.78 -1.40 2.36
N VAL A 243 12.30 -0.18 2.46
CA VAL A 243 13.39 0.08 3.38
C VAL A 243 12.94 -0.08 4.83
N LEU A 244 11.77 0.49 5.16
CA LEU A 244 11.21 0.29 6.50
C LEU A 244 11.05 -1.20 6.81
N TYR A 245 10.55 -1.97 5.84
CA TYR A 245 10.34 -3.40 6.04
C TYR A 245 11.66 -4.14 6.25
N HIS A 246 12.67 -3.86 5.42
CA HIS A 246 13.92 -4.62 5.51
C HIS A 246 14.74 -4.23 6.73
N GLU A 247 14.71 -2.95 7.12
CA GLU A 247 15.47 -2.51 8.29
C GLU A 247 14.91 -3.12 9.58
N THR A 248 13.58 -3.06 9.75
CA THR A 248 12.95 -3.58 10.96
C THR A 248 12.68 -5.08 10.89
N GLY A 249 12.47 -5.64 9.70
CA GLY A 249 12.01 -7.00 9.62
C GLY A 249 10.59 -7.19 10.06
N ASP A 250 9.82 -6.11 10.15
CA ASP A 250 8.47 -6.11 10.71
C ASP A 250 7.45 -6.10 9.57
N SER A 251 6.63 -7.15 9.51
CA SER A 251 5.58 -7.23 8.50
C SER A 251 4.61 -6.05 8.56
N LYS A 252 4.65 -5.27 9.65
CA LYS A 252 3.81 -4.08 9.76
C LYS A 252 4.03 -3.12 8.60
N TYR A 253 5.25 -3.05 8.08
CA TYR A 253 5.59 -2.11 7.01
C TYR A 253 5.62 -2.76 5.64
N ARG A 254 4.96 -3.90 5.48
CA ARG A 254 4.92 -4.56 4.18
C ARG A 254 4.20 -3.67 3.17
N ALA A 255 4.77 -3.57 1.98
CA ALA A 255 4.23 -2.67 0.96
C ALA A 255 2.95 -3.24 0.36
N CYS A 256 2.03 -2.35 0.04
CA CYS A 256 0.80 -2.76 -0.60
C CYS A 256 1.09 -3.30 -2.00
N PRO A 257 0.60 -4.49 -2.35
CA PRO A 257 0.89 -5.05 -3.68
C PRO A 257 0.32 -4.22 -4.82
N LEU A 258 -0.77 -3.49 -4.58
CA LEU A 258 -1.30 -2.59 -5.60
C LEU A 258 -0.27 -1.53 -5.97
N ILE A 259 0.44 -1.00 -4.96
CA ILE A 259 1.49 -0.03 -5.24
C ILE A 259 2.63 -0.68 -6.02
N ARG A 260 3.02 -1.90 -5.62
CA ARG A 260 4.11 -2.58 -6.32
C ARG A 260 3.74 -2.85 -7.78
N LYS A 261 2.49 -3.25 -8.02
CA LYS A 261 2.06 -3.50 -9.40
C LYS A 261 2.08 -2.22 -10.23
N MET A 262 1.68 -1.10 -9.65
CA MET A 262 1.64 0.16 -10.39
C MET A 262 3.05 0.62 -10.78
N VAL A 263 4.01 0.47 -9.87
CA VAL A 263 5.38 0.86 -10.17
C VAL A 263 5.95 -0.01 -11.29
N ARG A 264 5.59 -1.29 -11.31
CA ARG A 264 6.07 -2.17 -12.37
C ARG A 264 5.53 -1.75 -13.72
N GLY A 265 4.29 -1.25 -13.76
CA GLY A 265 3.67 -0.79 -14.99
C GLY A 265 4.07 0.60 -15.44
N GLY A 266 4.91 1.30 -14.67
CA GLY A 266 5.30 2.64 -15.04
C GLY A 266 4.36 3.73 -14.61
N ASN A 267 3.32 3.40 -13.82
CA ASN A 267 2.38 4.39 -13.33
C ASN A 267 2.88 4.93 -11.99
N LEU A 268 3.82 5.87 -12.08
CA LEU A 268 4.51 6.39 -10.91
C LEU A 268 3.86 7.64 -10.34
N GLY A 269 2.79 8.12 -10.95
CA GLY A 269 2.10 9.30 -10.44
C GLY A 269 2.26 10.52 -11.33
N CYS A 270 2.57 11.66 -10.72
CA CYS A 270 2.62 12.92 -11.46
C CYS A 270 3.70 12.91 -12.53
N LYS A 271 4.85 12.34 -12.22
CA LYS A 271 5.99 12.45 -13.13
C LYS A 271 5.85 11.58 -14.39
N THR A 272 4.91 10.64 -14.41
CA THR A 272 4.62 9.87 -15.62
C THR A 272 3.24 10.16 -16.19
N GLY A 273 2.50 11.10 -15.60
CA GLY A 273 1.17 11.43 -16.07
C GLY A 273 0.07 10.49 -15.62
N LYS A 274 0.38 9.48 -14.82
CA LYS A 274 -0.63 8.51 -14.41
C LYS A 274 -0.15 7.78 -13.17
N GLY A 275 -0.99 7.77 -12.14
CA GLY A 275 -0.76 6.98 -10.94
C GLY A 275 -2.08 6.44 -10.44
N PHE A 276 -2.50 6.89 -9.25
CA PHE A 276 -3.89 6.70 -8.84
C PHE A 276 -4.83 7.64 -9.58
N TYR A 277 -4.31 8.76 -10.09
CA TYR A 277 -5.03 9.69 -10.93
C TYR A 277 -4.35 9.77 -12.29
N VAL A 278 -5.15 10.03 -13.34
CA VAL A 278 -4.62 10.35 -14.65
C VAL A 278 -4.56 11.87 -14.77
N TYR A 279 -3.42 12.39 -15.21
CA TYR A 279 -3.20 13.82 -15.31
C TYR A 279 -3.28 14.22 -16.78
N ASN A 280 -4.27 15.04 -17.10
CA ASN A 280 -4.52 15.43 -18.51
C ASN A 280 -4.04 16.85 -18.78
N ALA A 281 -3.81 17.18 -20.06
CA ALA A 281 -3.29 18.51 -20.46
C ALA A 281 -4.10 19.65 -19.87
N ASP A 282 -5.43 19.52 -19.78
CA ASP A 282 -6.31 20.60 -19.28
C ASP A 282 -6.17 20.77 -17.76
N ARG A 283 -5.10 20.27 -17.17
CA ARG A 283 -4.89 20.33 -15.69
C ARG A 283 -6.01 19.58 -14.96
N THR A 284 -6.75 18.71 -15.65
CA THR A 284 -7.79 17.90 -14.98
C THR A 284 -7.19 16.56 -14.52
N LYS A 285 -7.50 16.14 -13.30
CA LYS A 285 -7.05 14.80 -12.81
C LYS A 285 -8.30 13.96 -12.56
N THR A 286 -8.28 12.72 -13.04
CA THR A 286 -9.40 11.82 -12.81
C THR A 286 -8.88 10.52 -12.20
N PRO A 287 -9.58 9.99 -11.20
CA PRO A 287 -9.14 8.72 -10.59
C PRO A 287 -9.22 7.57 -11.57
N VAL A 288 -8.21 6.71 -11.57
CA VAL A 288 -8.11 5.59 -12.54
C VAL A 288 -9.30 4.63 -12.38
N ASP A 289 -10.01 4.69 -11.25
CA ASP A 289 -11.23 3.86 -11.07
C ASP A 289 -12.43 4.61 -11.66
N GLN A 290 -12.18 5.69 -12.39
CA GLN A 290 -13.23 6.52 -13.04
C GLN A 290 -14.14 7.12 -11.98
N MET B 2 -38.42 17.22 5.91
CA MET B 2 -38.01 15.91 6.42
C MET B 2 -37.84 15.92 7.94
N LYS B 3 -38.22 14.82 8.59
CA LYS B 3 -38.19 14.70 10.04
C LYS B 3 -37.20 13.61 10.44
N ILE B 4 -36.25 13.95 11.30
CA ILE B 4 -35.15 13.06 11.66
C ILE B 4 -35.25 12.73 13.14
N GLY B 5 -34.97 11.47 13.49
CA GLY B 5 -34.86 11.08 14.87
C GLY B 5 -33.42 10.78 15.28
N VAL B 6 -32.90 11.55 16.23
CA VAL B 6 -31.54 11.36 16.75
C VAL B 6 -31.64 10.69 18.11
N ILE B 7 -31.10 9.48 18.22
CA ILE B 7 -31.14 8.69 19.45
C ILE B 7 -29.81 8.87 20.17
N GLY B 8 -29.85 9.38 21.40
CA GLY B 8 -28.66 9.69 22.16
C GLY B 8 -28.38 11.18 22.21
N ALA B 9 -28.52 11.78 23.39
CA ALA B 9 -28.37 13.23 23.54
C ALA B 9 -27.00 13.62 24.08
N GLY B 10 -25.99 12.80 23.86
CA GLY B 10 -24.63 13.15 24.24
C GLY B 10 -24.06 14.18 23.30
N THR B 11 -22.73 14.22 23.26
CA THR B 11 -22.03 15.18 22.41
C THR B 11 -22.30 14.92 20.93
N MET B 12 -22.17 13.67 20.49
CA MET B 12 -22.36 13.36 19.07
C MET B 12 -23.80 13.56 18.64
N GLY B 13 -24.74 13.04 19.44
CA GLY B 13 -26.15 13.23 19.12
C GLY B 13 -26.54 14.69 19.07
N GLN B 14 -25.97 15.50 19.98
CA GLN B 14 -26.21 16.93 19.92
C GLN B 14 -25.71 17.51 18.60
N GLY B 15 -24.51 17.11 18.17
CA GLY B 15 -23.98 17.63 16.92
C GLY B 15 -24.80 17.20 15.72
N ILE B 16 -25.29 15.97 15.73
CA ILE B 16 -26.08 15.49 14.61
C ILE B 16 -27.43 16.20 14.57
N ALA B 17 -28.03 16.45 15.73
CA ALA B 17 -29.28 17.19 15.79
C ALA B 17 -29.11 18.59 15.19
N LYS B 18 -28.04 19.29 15.57
CA LYS B 18 -27.77 20.61 15.01
C LYS B 18 -27.53 20.53 13.51
N ALA B 19 -26.83 19.50 13.06
CA ALA B 19 -26.52 19.37 11.64
C ALA B 19 -27.79 19.27 10.80
N PHE B 20 -28.81 18.59 11.33
CA PHE B 20 -30.07 18.49 10.60
C PHE B 20 -30.95 19.71 10.82
N ALA B 21 -31.04 20.19 12.06
CA ALA B 21 -31.87 21.36 12.34
C ALA B 21 -31.31 22.63 11.73
N GLN B 22 -30.01 22.65 11.38
CA GLN B 22 -29.43 23.81 10.72
C GLN B 22 -30.13 24.11 9.40
N VAL B 23 -30.62 23.10 8.72
CA VAL B 23 -31.16 23.25 7.37
C VAL B 23 -32.66 23.50 7.46
N GLU B 24 -33.13 24.54 6.77
CA GLU B 24 -34.53 24.92 6.83
C GLU B 24 -35.42 23.78 6.35
N GLY B 25 -36.47 23.50 7.11
CA GLY B 25 -37.44 22.48 6.76
C GLY B 25 -37.23 21.14 7.42
N ASN B 26 -36.27 21.01 8.32
CA ASN B 26 -36.01 19.76 9.02
C ASN B 26 -36.43 19.89 10.48
N THR B 27 -37.10 18.85 10.98
CA THR B 27 -37.40 18.73 12.41
C THR B 27 -36.66 17.53 12.96
N VAL B 28 -36.21 17.65 14.20
CA VAL B 28 -35.35 16.65 14.83
C VAL B 28 -35.96 16.24 16.17
N ALA B 29 -36.01 14.94 16.41
CA ALA B 29 -36.40 14.40 17.71
C ALA B 29 -35.13 13.92 18.42
N LEU B 30 -34.69 14.68 19.43
CA LEU B 30 -33.52 14.32 20.23
C LEU B 30 -33.98 13.46 21.39
N CYS B 31 -33.78 12.15 21.27
CA CYS B 31 -34.25 11.20 22.27
C CYS B 31 -33.09 10.61 23.06
N ASP B 32 -33.42 10.10 24.24
CA ASP B 32 -32.49 9.35 25.07
C ASP B 32 -33.31 8.38 25.92
N ILE B 33 -32.65 7.72 26.87
CA ILE B 33 -33.38 6.76 27.69
C ILE B 33 -34.11 7.44 28.83
N LYS B 34 -33.76 8.69 29.15
CA LYS B 34 -34.44 9.47 30.19
C LYS B 34 -34.85 10.81 29.60
N GLN B 35 -36.10 11.21 29.88
CA GLN B 35 -36.61 12.48 29.36
C GLN B 35 -35.74 13.65 29.81
N GLU B 36 -35.24 13.61 31.04
CA GLU B 36 -34.38 14.68 31.54
C GLU B 36 -33.10 14.79 30.73
N TRP B 37 -32.52 13.64 30.36
CA TRP B 37 -31.30 13.66 29.56
C TRP B 37 -31.54 14.35 28.21
N ALA B 38 -32.65 14.02 27.56
CA ALA B 38 -32.96 14.64 26.28
C ALA B 38 -33.16 16.14 26.43
N GLU B 39 -33.82 16.56 27.51
CA GLU B 39 -33.99 17.99 27.75
C GLU B 39 -32.67 18.67 28.11
N ASN B 40 -31.75 17.95 28.77
CA ASN B 40 -30.44 18.51 29.05
C ASN B 40 -29.61 18.63 27.79
N GLY B 41 -29.78 17.69 26.85
CA GLY B 41 -29.08 17.80 25.58
C GLY B 41 -29.48 19.04 24.80
N LEU B 42 -30.78 19.31 24.71
CA LEU B 42 -31.24 20.53 24.04
C LEU B 42 -30.78 21.78 24.77
N ALA B 43 -30.73 21.74 26.10
CA ALA B 43 -30.25 22.89 26.85
C ALA B 43 -28.79 23.19 26.54
N LYS B 44 -27.96 22.14 26.43
CA LYS B 44 -26.58 22.33 26.01
C LYS B 44 -26.50 22.87 24.58
N ILE B 45 -27.40 22.38 23.72
CA ILE B 45 -27.46 22.91 22.36
C ILE B 45 -27.85 24.38 22.36
N LYS B 46 -28.82 24.74 23.21
CA LYS B 46 -29.32 26.11 23.20
C LYS B 46 -28.28 27.08 23.74
N LYS B 47 -27.68 26.77 24.89
CA LYS B 47 -26.71 27.68 25.46
C LYS B 47 -25.48 27.83 24.57
N GLY B 48 -25.11 26.78 23.85
CA GLY B 48 -24.04 26.91 22.88
C GLY B 48 -24.36 27.89 21.77
N TYR B 49 -25.64 28.04 21.44
CA TYR B 49 -26.04 28.97 20.40
C TYR B 49 -26.09 30.41 20.88
N GLU B 50 -26.35 30.63 22.18
CA GLU B 50 -26.36 32.00 22.70
C GLU B 50 -24.96 32.57 22.76
N LYS B 51 -23.97 31.76 23.11
CA LYS B 51 -22.59 32.20 23.01
C LYS B 51 -22.22 32.56 21.57
N LEU B 52 -22.83 31.87 20.60
CA LEU B 52 -22.57 32.19 19.20
C LEU B 52 -23.24 33.50 18.80
N VAL B 53 -24.45 33.75 19.30
CA VAL B 53 -25.13 35.02 19.03
C VAL B 53 -24.36 36.18 19.63
N ALA B 54 -23.96 36.04 20.90
CA ALA B 54 -23.18 37.09 21.56
C ALA B 54 -21.87 37.35 20.83
N LYS B 55 -21.23 36.29 20.31
CA LYS B 55 -20.04 36.44 19.49
C LYS B 55 -20.34 37.02 18.11
N GLY B 56 -21.61 37.31 17.82
CA GLY B 56 -21.98 37.93 16.56
C GLY B 56 -21.81 37.05 15.34
N LYS B 57 -21.72 35.73 15.52
CA LYS B 57 -21.47 34.81 14.43
C LYS B 57 -22.71 34.04 13.99
N ILE B 58 -23.89 34.50 14.39
CA ILE B 58 -25.17 33.90 13.96
C ILE B 58 -26.31 34.84 14.30
N PRO B 59 -27.24 35.07 13.38
CA PRO B 59 -28.43 35.86 13.71
C PRO B 59 -29.19 35.24 14.88
N GLN B 60 -29.70 36.10 15.75
CA GLN B 60 -30.42 35.63 16.93
C GLN B 60 -31.67 34.83 16.55
N GLU B 61 -32.31 35.18 15.44
CA GLU B 61 -33.55 34.51 15.04
C GLU B 61 -33.26 33.14 14.43
N LYS B 62 -32.14 33.00 13.70
CA LYS B 62 -31.77 31.70 13.16
C LYS B 62 -31.48 30.71 14.29
N ALA B 63 -30.72 31.14 15.30
CA ALA B 63 -30.47 30.28 16.44
C ALA B 63 -31.76 29.91 17.15
N ASP B 64 -32.70 30.85 17.25
CA ASP B 64 -34.00 30.55 17.82
C ASP B 64 -34.76 29.53 16.97
N ALA B 65 -34.57 29.57 15.66
CA ALA B 65 -35.27 28.65 14.76
C ALA B 65 -34.68 27.25 14.84
N ILE B 66 -33.35 27.13 14.96
CA ILE B 66 -32.73 25.81 15.07
C ILE B 66 -33.19 25.12 16.34
N VAL B 67 -33.10 25.81 17.48
CA VAL B 67 -33.51 25.23 18.75
C VAL B 67 -34.98 24.84 18.70
N ALA B 68 -35.81 25.66 18.05
CA ALA B 68 -37.25 25.37 17.97
C ALA B 68 -37.52 24.11 17.14
N ALA B 69 -36.65 23.77 16.20
CA ALA B 69 -36.83 22.59 15.37
C ALA B 69 -36.43 21.30 16.08
N ILE B 70 -35.89 21.37 17.29
CA ILE B 70 -35.43 20.20 18.04
C ILE B 70 -36.39 19.95 19.20
N THR B 71 -36.93 18.74 19.27
CA THR B 71 -37.82 18.34 20.35
C THR B 71 -37.18 17.21 21.15
N PRO B 72 -37.09 17.33 22.47
CA PRO B 72 -36.55 16.24 23.29
C PRO B 72 -37.63 15.27 23.74
N GLY B 73 -37.21 14.05 24.05
CA GLY B 73 -38.15 13.09 24.62
C GLY B 73 -37.60 11.67 24.52
N LEU B 74 -38.54 10.73 24.35
CA LEU B 74 -38.24 9.32 24.21
C LEU B 74 -38.67 8.84 22.84
N LYS B 75 -37.96 7.85 22.30
CA LYS B 75 -38.20 7.43 20.93
C LYS B 75 -39.59 6.82 20.74
N GLU B 76 -40.17 6.25 21.80
CA GLU B 76 -41.51 5.70 21.70
C GLU B 76 -42.54 6.80 21.43
N ASN B 77 -42.26 8.02 21.86
CA ASN B 77 -43.22 9.11 21.75
C ASN B 77 -43.02 10.00 20.53
N LEU B 78 -41.81 10.09 19.97
CA LEU B 78 -41.51 11.08 18.96
C LEU B 78 -41.07 10.52 17.61
N CYS B 79 -40.83 9.22 17.49
CA CYS B 79 -40.16 8.68 16.32
C CYS B 79 -41.06 7.86 15.41
N ALA B 80 -42.38 7.88 15.63
CA ALA B 80 -43.26 7.02 14.84
C ALA B 80 -43.32 7.46 13.38
N ASP B 81 -43.31 8.77 13.13
CA ASP B 81 -43.40 9.31 11.78
C ASP B 81 -42.08 9.91 11.30
N CYS B 82 -40.96 9.48 11.87
CA CYS B 82 -39.67 9.99 11.44
C CYS B 82 -39.32 9.41 10.08
N ASP B 83 -38.65 10.22 9.26
CA ASP B 83 -38.22 9.77 7.94
C ASP B 83 -36.84 9.14 7.98
N LEU B 84 -35.99 9.55 8.92
CA LEU B 84 -34.65 9.02 9.04
C LEU B 84 -34.28 8.94 10.52
N ILE B 85 -33.65 7.84 10.90
CA ILE B 85 -33.19 7.63 12.27
C ILE B 85 -31.67 7.55 12.25
N VAL B 86 -31.02 8.41 13.02
CA VAL B 86 -29.57 8.36 13.20
C VAL B 86 -29.31 8.03 14.67
N GLU B 87 -28.76 6.85 14.92
CA GLU B 87 -28.46 6.42 16.28
C GLU B 87 -27.04 6.85 16.67
N ALA B 88 -26.90 7.39 17.86
CA ALA B 88 -25.61 7.83 18.39
C ALA B 88 -25.58 7.65 19.90
N ALA B 89 -25.97 6.47 20.37
CA ALA B 89 -26.01 6.19 21.80
C ALA B 89 -24.75 5.44 22.22
N PHE B 90 -24.81 4.73 23.34
CA PHE B 90 -23.62 4.07 23.87
C PHE B 90 -23.21 2.90 22.97
N GLU B 91 -21.90 2.80 22.75
CA GLU B 91 -21.33 1.81 21.82
C GLU B 91 -21.30 0.43 22.48
N ASP B 92 -22.45 -0.23 22.50
CA ASP B 92 -22.55 -1.62 22.89
C ASP B 92 -23.45 -2.36 21.91
N MET B 93 -23.01 -3.54 21.48
CA MET B 93 -23.73 -4.27 20.45
C MET B 93 -25.15 -4.60 20.88
N LYS B 94 -25.32 -5.08 22.11
CA LYS B 94 -26.66 -5.48 22.55
C LYS B 94 -27.55 -4.27 22.75
N VAL B 95 -26.99 -3.16 23.26
CA VAL B 95 -27.78 -1.95 23.42
C VAL B 95 -28.31 -1.47 22.07
N LYS B 96 -27.41 -1.38 21.08
CA LYS B 96 -27.81 -0.92 19.75
C LYS B 96 -28.79 -1.88 19.09
N GLN B 97 -28.62 -3.18 19.29
CA GLN B 97 -29.49 -4.15 18.65
C GLN B 97 -30.92 -4.03 19.16
N THR B 98 -31.10 -4.02 20.48
CA THR B 98 -32.45 -3.91 21.03
C THR B 98 -33.06 -2.54 20.75
N THR B 99 -32.24 -1.49 20.72
CA THR B 99 -32.75 -0.17 20.36
C THR B 99 -33.40 -0.18 18.97
N PHE B 100 -32.73 -0.82 18.00
CA PHE B 100 -33.28 -0.89 16.66
C PHE B 100 -34.40 -1.92 16.53
N GLY B 101 -34.44 -2.91 17.42
CA GLY B 101 -35.59 -3.80 17.45
C GLY B 101 -36.84 -3.11 17.97
N GLU B 102 -36.66 -2.20 18.93
CA GLU B 102 -37.80 -1.41 19.40
C GLU B 102 -38.22 -0.38 18.35
N LEU B 103 -37.25 0.28 17.73
CA LEU B 103 -37.57 1.24 16.68
C LEU B 103 -38.19 0.54 15.47
N ASP B 104 -37.90 -0.75 15.29
CA ASP B 104 -38.50 -1.48 14.19
C ASP B 104 -40.02 -1.53 14.31
N LYS B 105 -40.52 -1.59 15.55
CA LYS B 105 -41.96 -1.61 15.79
C LYS B 105 -42.57 -0.22 15.87
N ILE B 106 -41.81 0.78 16.28
CA ILE B 106 -42.34 2.13 16.44
C ILE B 106 -42.44 2.84 15.10
N CYS B 107 -41.37 2.80 14.30
CA CYS B 107 -41.26 3.66 13.13
C CYS B 107 -42.05 3.12 11.95
N LYS B 108 -42.57 4.05 11.13
CA LYS B 108 -43.28 3.71 9.92
C LYS B 108 -42.35 2.95 8.97
N PRO B 109 -42.91 2.12 8.08
CA PRO B 109 -42.07 1.23 7.27
C PRO B 109 -41.03 1.95 6.42
N GLU B 110 -41.37 3.10 5.84
CA GLU B 110 -40.45 3.80 4.94
C GLU B 110 -39.35 4.56 5.68
N CYS B 111 -39.32 4.53 7.01
CA CYS B 111 -38.28 5.22 7.76
C CYS B 111 -36.95 4.48 7.61
N ILE B 112 -35.88 5.26 7.36
CA ILE B 112 -34.54 4.71 7.15
C ILE B 112 -33.80 4.65 8.48
N PHE B 113 -33.13 3.52 8.73
CA PHE B 113 -32.37 3.30 9.96
C PHE B 113 -30.88 3.49 9.68
N ALA B 114 -30.29 4.50 10.30
CA ALA B 114 -28.86 4.77 10.18
C ALA B 114 -28.23 4.81 11.57
N SER B 115 -26.94 4.47 11.62
CA SER B 115 -26.17 4.49 12.86
C SER B 115 -24.87 5.25 12.67
N ASN B 116 -24.42 5.91 13.75
CA ASN B 116 -23.20 6.71 13.74
C ASN B 116 -22.01 5.95 14.31
N THR B 117 -22.12 4.64 14.50
CA THR B 117 -21.04 3.90 15.13
C THR B 117 -19.77 3.95 14.29
N ALA B 118 -18.62 3.96 14.97
CA ALA B 118 -17.32 3.91 14.33
C ALA B 118 -16.58 2.60 14.55
N SER B 119 -16.94 1.85 15.59
CA SER B 119 -16.22 0.64 15.97
C SER B 119 -17.05 -0.63 15.92
N LEU B 120 -18.37 -0.54 16.03
CA LEU B 120 -19.23 -1.71 15.97
C LEU B 120 -19.65 -2.01 14.54
N SER B 121 -19.94 -3.28 14.29
CA SER B 121 -20.25 -3.74 12.93
C SER B 121 -21.65 -3.29 12.54
N ILE B 122 -21.75 -2.55 11.45
CA ILE B 122 -23.06 -2.16 10.92
C ILE B 122 -23.88 -3.40 10.59
N THR B 123 -23.26 -4.39 9.95
CA THR B 123 -23.98 -5.60 9.55
C THR B 123 -24.56 -6.33 10.76
N GLU B 124 -23.80 -6.40 11.85
CA GLU B 124 -24.27 -7.11 13.03
C GLU B 124 -25.34 -6.32 13.77
N ILE B 125 -25.28 -5.00 13.71
CA ILE B 125 -26.26 -4.16 14.40
C ILE B 125 -27.67 -4.49 13.91
N GLY B 126 -27.87 -4.47 12.59
CA GLY B 126 -29.19 -4.68 12.03
C GLY B 126 -29.41 -6.09 11.50
N LYS B 127 -28.84 -7.09 12.19
CA LYS B 127 -28.86 -8.45 11.71
C LYS B 127 -30.28 -8.97 11.51
N GLY B 128 -31.09 -8.93 12.57
CA GLY B 128 -32.42 -9.51 12.49
C GLY B 128 -33.56 -8.52 12.32
N LEU B 129 -33.28 -7.35 11.75
CA LEU B 129 -34.30 -6.34 11.57
C LEU B 129 -35.18 -6.65 10.36
N SER B 130 -36.28 -5.92 10.26
CA SER B 130 -37.22 -6.04 9.15
C SER B 130 -36.92 -5.07 8.02
N ARG B 131 -35.88 -4.27 8.15
CA ARG B 131 -35.54 -3.26 7.16
C ARG B 131 -34.03 -3.04 7.20
N PRO B 132 -33.45 -2.46 6.14
CA PRO B 132 -31.99 -2.32 6.10
C PRO B 132 -31.46 -1.41 7.21
N LEU B 133 -30.20 -1.66 7.58
CA LEU B 133 -29.44 -0.80 8.48
C LEU B 133 -28.23 -0.27 7.71
N VAL B 134 -28.04 1.04 7.71
CA VAL B 134 -26.94 1.69 7.02
C VAL B 134 -26.17 2.52 8.04
N GLY B 135 -24.90 2.79 7.71
CA GLY B 135 -24.05 3.62 8.55
C GLY B 135 -23.99 5.03 8.01
N MET B 136 -24.20 6.00 8.90
CA MET B 136 -24.08 7.42 8.58
C MET B 136 -23.17 8.03 9.64
N HIS B 137 -21.87 7.97 9.38
CA HIS B 137 -20.86 8.34 10.37
C HIS B 137 -20.52 9.82 10.21
N PHE B 138 -20.87 10.61 11.22
CA PHE B 138 -20.54 12.03 11.26
C PHE B 138 -19.19 12.23 11.93
N PHE B 139 -18.69 13.45 11.88
CA PHE B 139 -17.40 13.79 12.48
C PHE B 139 -17.58 15.01 13.37
N ASN B 140 -17.05 14.92 14.59
CA ASN B 140 -17.28 15.98 15.57
C ASN B 140 -16.45 17.22 15.22
N PRO B 141 -17.04 18.43 15.22
CA PRO B 141 -18.46 18.72 15.46
C PRO B 141 -19.29 18.49 14.20
N ALA B 142 -20.38 17.70 14.32
CA ALA B 142 -21.10 17.25 13.13
C ALA B 142 -21.74 18.40 12.37
N ASP B 143 -22.15 19.47 13.07
CA ASP B 143 -22.76 20.61 12.40
C ASP B 143 -21.75 21.40 11.58
N ARG B 144 -20.46 21.23 11.83
CA ARG B 144 -19.42 21.98 11.13
C ARG B 144 -18.59 21.13 10.17
N MET B 145 -18.26 19.90 10.55
CA MET B 145 -17.46 19.03 9.69
C MET B 145 -18.28 18.54 8.50
N LYS B 146 -17.66 18.54 7.33
CA LYS B 146 -18.38 18.35 6.08
C LYS B 146 -18.37 16.92 5.56
N LEU B 147 -17.58 16.03 6.15
CA LEU B 147 -17.48 14.66 5.67
C LEU B 147 -18.51 13.76 6.34
N ILE B 148 -19.13 12.90 5.52
CA ILE B 148 -20.06 11.88 6.01
C ILE B 148 -19.64 10.55 5.38
N GLU B 149 -19.21 9.60 6.20
CA GLU B 149 -18.93 8.24 5.75
C GLU B 149 -20.23 7.45 5.73
N VAL B 150 -20.65 7.02 4.54
CA VAL B 150 -21.85 6.20 4.36
C VAL B 150 -21.40 4.75 4.32
N ILE B 151 -21.73 4.00 5.37
CA ILE B 151 -21.22 2.65 5.57
C ILE B 151 -22.25 1.66 5.04
N ALA B 152 -21.88 0.93 3.98
CA ALA B 152 -22.73 -0.12 3.44
C ALA B 152 -22.45 -1.42 4.18
N GLY B 153 -23.49 -2.00 4.78
CA GLY B 153 -23.37 -3.29 5.40
C GLY B 153 -23.39 -4.41 4.38
N CYS B 154 -23.26 -5.64 4.89
CA CYS B 154 -23.23 -6.80 4.00
C CYS B 154 -24.53 -6.95 3.24
N ASN B 155 -25.66 -6.60 3.85
CA ASN B 155 -26.98 -6.75 3.25
C ASN B 155 -27.66 -5.42 2.98
N THR B 156 -26.95 -4.30 3.12
CA THR B 156 -27.53 -2.99 2.83
C THR B 156 -27.75 -2.85 1.32
N PRO B 157 -28.97 -2.62 0.86
CA PRO B 157 -29.18 -2.43 -0.59
C PRO B 157 -28.57 -1.13 -1.07
N ALA B 158 -28.24 -1.11 -2.37
CA ALA B 158 -27.62 0.09 -2.94
C ALA B 158 -28.58 1.27 -2.92
N GLU B 159 -29.88 1.02 -2.92
CA GLU B 159 -30.84 2.12 -2.88
C GLU B 159 -30.78 2.84 -1.54
N THR B 160 -30.60 2.11 -0.45
CA THR B 160 -30.47 2.75 0.86
C THR B 160 -29.19 3.58 0.94
N VAL B 161 -28.09 3.06 0.38
CA VAL B 161 -26.85 3.83 0.35
C VAL B 161 -27.04 5.11 -0.43
N GLU B 162 -27.74 5.05 -1.56
CA GLU B 162 -27.92 6.23 -2.40
C GLU B 162 -28.75 7.29 -1.70
N LYS B 163 -29.82 6.89 -1.01
CA LYS B 163 -30.67 7.86 -0.34
C LYS B 163 -29.92 8.59 0.76
N ILE B 164 -29.02 7.88 1.47
CA ILE B 164 -28.21 8.54 2.49
C ILE B 164 -27.23 9.53 1.84
N LYS B 165 -26.69 9.17 0.67
CA LYS B 165 -25.85 10.12 -0.06
C LYS B 165 -26.63 11.38 -0.39
N GLU B 166 -27.87 11.23 -0.86
CA GLU B 166 -28.67 12.39 -1.22
C GLU B 166 -29.03 13.22 0.00
N ILE B 167 -29.34 12.56 1.13
CA ILE B 167 -29.61 13.30 2.35
C ILE B 167 -28.37 14.09 2.79
N SER B 168 -27.19 13.47 2.66
CA SER B 168 -25.96 14.14 3.08
C SER B 168 -25.74 15.43 2.30
N VAL B 169 -25.94 15.39 0.98
CA VAL B 169 -25.74 16.61 0.20
C VAL B 169 -26.86 17.60 0.48
N ALA B 170 -28.06 17.11 0.80
CA ALA B 170 -29.17 18.01 1.10
C ALA B 170 -28.88 18.85 2.34
N ILE B 171 -28.18 18.27 3.33
CA ILE B 171 -27.76 19.02 4.51
C ILE B 171 -26.37 19.63 4.36
N GLY B 172 -25.82 19.64 3.15
CA GLY B 172 -24.59 20.35 2.88
C GLY B 172 -23.31 19.58 3.19
N LYS B 173 -23.35 18.25 3.20
CA LYS B 173 -22.18 17.43 3.49
C LYS B 173 -21.70 16.70 2.23
N ASN B 174 -20.49 16.14 2.34
CA ASN B 174 -19.89 15.36 1.25
C ASN B 174 -19.88 13.89 1.63
N PRO B 175 -20.80 13.08 1.10
CA PRO B 175 -20.82 11.67 1.45
C PRO B 175 -19.74 10.89 0.69
N VAL B 176 -19.11 9.96 1.40
CA VAL B 176 -18.11 9.05 0.84
C VAL B 176 -18.56 7.64 1.16
N GLN B 177 -18.84 6.85 0.13
CA GLN B 177 -19.31 5.48 0.36
C GLN B 177 -18.17 4.60 0.86
N VAL B 178 -18.47 3.80 1.88
CA VAL B 178 -17.50 2.89 2.49
C VAL B 178 -18.19 1.54 2.66
N ASN B 179 -17.56 0.50 2.11
CA ASN B 179 -17.99 -0.86 2.41
C ASN B 179 -17.39 -1.27 3.75
N GLU B 180 -18.25 -1.76 4.65
CA GLU B 180 -17.89 -1.90 6.05
C GLU B 180 -16.57 -2.65 6.23
N ALA B 181 -15.64 -2.00 6.92
CA ALA B 181 -14.39 -2.61 7.35
C ALA B 181 -13.94 -1.87 8.59
N ALA B 182 -13.09 -2.53 9.37
CA ALA B 182 -12.62 -1.95 10.62
C ALA B 182 -11.95 -0.60 10.38
N GLY B 183 -12.37 0.41 11.13
CA GLY B 183 -11.79 1.74 11.03
C GLY B 183 -12.25 2.56 9.84
N PHE B 184 -13.11 2.00 8.98
CA PHE B 184 -13.61 2.68 7.79
C PHE B 184 -12.45 3.21 6.96
N VAL B 185 -12.40 4.52 6.72
CA VAL B 185 -11.30 5.16 6.02
C VAL B 185 -10.48 6.03 6.96
N VAL B 186 -11.10 7.04 7.57
CA VAL B 186 -10.35 8.05 8.33
C VAL B 186 -9.65 7.40 9.52
N ASN B 187 -10.42 6.70 10.37
CA ASN B 187 -9.84 6.10 11.56
C ASN B 187 -8.81 5.04 11.22
N ARG B 188 -9.02 4.30 10.13
CA ARG B 188 -8.05 3.28 9.74
C ARG B 188 -6.71 3.89 9.38
N ILE B 189 -6.71 5.10 8.81
CA ILE B 189 -5.46 5.75 8.41
C ILE B 189 -4.93 6.66 9.52
N LEU B 190 -5.83 7.36 10.21
CA LEU B 190 -5.42 8.43 11.12
C LEU B 190 -4.85 7.90 12.43
N ILE B 191 -5.50 6.89 13.02
CA ILE B 191 -5.11 6.44 14.36
C ILE B 191 -3.80 5.65 14.32
N PRO B 192 -3.56 4.75 13.37
CA PRO B 192 -2.23 4.11 13.29
C PRO B 192 -1.10 5.12 13.14
N MET B 193 -1.37 6.26 12.51
CA MET B 193 -0.42 7.36 12.47
C MET B 193 -0.06 7.84 13.87
N ILE B 194 -1.08 8.12 14.69
CA ILE B 194 -0.83 8.49 16.09
C ILE B 194 -0.09 7.38 16.79
N ASN B 195 -0.47 6.13 16.52
CA ASN B 195 0.20 4.97 17.11
C ASN B 195 1.67 4.91 16.70
N GLU B 196 1.97 5.20 15.43
CA GLU B 196 3.36 5.17 14.97
C GLU B 196 4.20 6.22 15.69
N ALA B 197 3.69 7.44 15.82
CA ALA B 197 4.41 8.50 16.50
C ALA B 197 4.75 8.10 17.94
N ALA B 198 3.82 7.44 18.62
CA ALA B 198 4.10 6.97 19.98
C ALA B 198 5.22 5.94 19.97
N PHE B 199 5.20 5.02 19.01
CA PHE B 199 6.29 4.06 18.84
C PHE B 199 7.62 4.78 18.64
N ILE B 200 7.63 5.83 17.83
CA ILE B 200 8.85 6.60 17.61
C ILE B 200 9.35 7.21 18.92
N LYS B 201 8.44 7.79 19.69
CA LYS B 201 8.80 8.29 21.01
C LYS B 201 9.30 7.17 21.92
N MET B 202 8.54 6.07 21.97
CA MET B 202 8.90 4.96 22.86
C MET B 202 10.30 4.44 22.57
N GLU B 203 10.66 4.31 21.30
CA GLU B 203 11.94 3.72 20.93
C GLU B 203 13.09 4.72 20.95
N GLY B 204 12.85 5.93 21.44
CA GLY B 204 13.90 6.92 21.62
C GLY B 204 14.36 7.61 20.36
N VAL B 205 13.60 7.50 19.27
CA VAL B 205 14.03 8.09 18.01
C VAL B 205 13.98 9.61 18.06
N SER B 206 12.97 10.16 18.73
CA SER B 206 12.84 11.62 18.84
C SER B 206 12.00 11.93 20.08
N ASP B 207 11.84 13.24 20.32
CA ASP B 207 11.08 13.75 21.46
C ASP B 207 9.68 14.16 21.01
N ILE B 208 8.78 14.31 21.99
CA ILE B 208 7.37 14.57 21.69
C ILE B 208 7.21 15.84 20.87
N ALA B 209 7.72 16.96 21.37
CA ALA B 209 7.62 18.21 20.64
C ALA B 209 8.28 18.11 19.27
N GLY B 210 9.44 17.44 19.20
CA GLY B 210 10.11 17.26 17.92
C GLY B 210 9.27 16.46 16.94
N ILE B 211 8.69 15.35 17.40
CA ILE B 211 7.83 14.53 16.55
C ILE B 211 6.70 15.37 15.99
N ASP B 212 6.00 16.12 16.86
CA ASP B 212 4.85 16.89 16.41
C ASP B 212 5.28 18.03 15.48
N THR B 213 6.39 18.69 15.80
CA THR B 213 6.90 19.74 14.92
C THR B 213 7.20 19.19 13.53
N ALA B 214 7.83 18.02 13.46
CA ALA B 214 8.22 17.47 12.16
C ALA B 214 7.03 17.15 11.29
N MET B 215 5.90 16.77 11.89
CA MET B 215 4.74 16.40 11.08
C MET B 215 4.02 17.62 10.52
N LYS B 216 3.99 18.73 11.24
CA LYS B 216 3.31 19.91 10.70
C LYS B 216 4.19 20.67 9.73
N LEU B 217 5.49 20.73 9.98
CA LEU B 217 6.41 21.43 9.10
C LEU B 217 6.95 20.56 7.96
N GLY B 218 6.93 19.25 8.12
CA GLY B 218 7.43 18.35 7.09
C GLY B 218 6.35 17.77 6.21
N ALA B 219 5.16 17.56 6.77
CA ALA B 219 4.05 16.99 6.03
C ALA B 219 2.88 17.96 5.87
N ASN B 220 3.05 19.20 6.33
CA ASN B 220 2.02 20.23 6.19
C ASN B 220 0.73 19.86 6.91
N HIS B 221 0.87 19.19 8.06
CA HIS B 221 -0.34 18.80 8.76
C HIS B 221 -0.79 19.90 9.72
N PRO B 222 -2.09 20.01 9.98
CA PRO B 222 -2.55 21.06 10.90
C PRO B 222 -2.12 20.83 12.33
N MET B 223 -2.07 19.57 12.77
CA MET B 223 -1.66 19.21 14.12
C MET B 223 -0.67 18.06 14.06
N GLY B 224 0.28 18.07 15.00
CA GLY B 224 1.14 16.94 15.20
C GLY B 224 0.35 15.74 15.71
N PRO B 225 0.85 14.53 15.44
CA PRO B 225 0.08 13.33 15.83
C PRO B 225 -0.03 13.16 17.33
N LEU B 226 1.01 13.54 18.09
CA LEU B 226 0.92 13.41 19.54
C LEU B 226 -0.02 14.44 20.14
N GLU B 227 -0.03 15.67 19.61
CA GLU B 227 -1.07 16.62 20.00
C GLU B 227 -2.44 16.11 19.59
N LEU B 228 -2.54 15.53 18.40
CA LEU B 228 -3.82 15.03 17.92
C LEU B 228 -4.34 13.91 18.81
N GLY B 229 -3.47 12.97 19.19
CA GLY B 229 -3.88 11.92 20.09
C GLY B 229 -4.36 12.48 21.42
N ASP B 230 -3.68 13.51 21.93
CA ASP B 230 -4.12 14.17 23.16
C ASP B 230 -5.49 14.83 22.96
N PHE B 231 -5.72 15.41 21.78
CA PHE B 231 -7.00 16.07 21.53
C PHE B 231 -8.11 15.04 21.35
N ILE B 232 -7.88 14.03 20.51
CA ILE B 232 -8.86 12.96 20.35
C ILE B 232 -9.10 12.26 21.67
N GLY B 233 -8.08 12.14 22.51
CA GLY B 233 -8.17 11.39 23.73
C GLY B 233 -7.54 10.02 23.57
N LEU B 234 -6.52 9.73 24.37
CA LEU B 234 -5.73 8.53 24.19
C LEU B 234 -6.51 7.25 24.47
N ASP B 235 -7.59 7.33 25.25
CA ASP B 235 -8.43 6.15 25.44
C ASP B 235 -9.18 5.80 24.17
N ILE B 236 -9.62 6.82 23.42
CA ILE B 236 -10.27 6.57 22.14
C ILE B 236 -9.28 5.96 21.16
N CYS B 237 -8.06 6.50 21.09
CA CYS B 237 -7.06 5.98 20.17
C CYS B 237 -6.71 4.53 20.51
N LEU B 238 -6.46 4.25 21.80
CA LEU B 238 -6.19 2.89 22.22
C LEU B 238 -7.31 1.94 21.80
N ALA B 239 -8.56 2.34 22.03
CA ALA B 239 -9.68 1.47 21.70
C ALA B 239 -9.79 1.24 20.19
N ILE B 240 -9.45 2.24 19.39
CA ILE B 240 -9.52 2.07 17.93
C ILE B 240 -8.43 1.11 17.47
N MET B 241 -7.21 1.26 17.98
CA MET B 241 -6.14 0.33 17.65
C MET B 241 -6.52 -1.10 18.03
N ASP B 242 -7.10 -1.29 19.20
CA ASP B 242 -7.49 -2.62 19.64
C ASP B 242 -8.59 -3.21 18.74
N VAL B 243 -9.52 -2.37 18.30
CA VAL B 243 -10.55 -2.85 17.38
C VAL B 243 -9.93 -3.28 16.05
N LEU B 244 -9.05 -2.43 15.50
CA LEU B 244 -8.37 -2.79 14.25
C LEU B 244 -7.59 -4.08 14.40
N TYR B 245 -6.92 -4.26 15.53
CA TYR B 245 -6.15 -5.48 15.75
C TYR B 245 -7.07 -6.70 15.80
N HIS B 246 -8.12 -6.64 16.63
CA HIS B 246 -8.97 -7.82 16.83
C HIS B 246 -9.80 -8.14 15.59
N GLU B 247 -10.17 -7.13 14.80
CA GLU B 247 -10.99 -7.37 13.62
C GLU B 247 -10.19 -7.96 12.47
N THR B 248 -8.91 -7.60 12.35
CA THR B 248 -8.07 -8.10 11.26
C THR B 248 -7.17 -9.25 11.68
N GLY B 249 -6.86 -9.36 12.97
CA GLY B 249 -5.89 -10.35 13.40
C GLY B 249 -4.48 -10.10 12.91
N ASP B 250 -4.20 -8.89 12.42
CA ASP B 250 -2.92 -8.53 11.83
C ASP B 250 -2.12 -7.74 12.87
N SER B 251 -0.91 -8.22 13.19
CA SER B 251 -0.05 -7.54 14.16
C SER B 251 0.38 -6.15 13.71
N LYS B 252 0.11 -5.79 12.46
CA LYS B 252 0.41 -4.45 11.97
C LYS B 252 -0.29 -3.38 12.79
N TYR B 253 -1.42 -3.70 13.41
CA TYR B 253 -2.22 -2.73 14.15
C TYR B 253 -2.06 -2.89 15.66
N ARG B 254 -0.94 -3.46 16.12
CA ARG B 254 -0.73 -3.59 17.55
C ARG B 254 -0.52 -2.22 18.16
N ALA B 255 -1.29 -1.92 19.20
CA ALA B 255 -1.21 -0.62 19.85
C ALA B 255 0.15 -0.48 20.54
N CYS B 256 0.68 0.73 20.51
CA CYS B 256 1.94 1.04 21.17
C CYS B 256 1.80 0.85 22.67
N PRO B 257 2.61 0.00 23.31
CA PRO B 257 2.48 -0.19 24.76
C PRO B 257 2.66 1.09 25.56
N LEU B 258 3.37 2.08 25.03
CA LEU B 258 3.48 3.37 25.72
C LEU B 258 2.10 4.00 25.91
N ILE B 259 1.26 3.98 24.87
CA ILE B 259 -0.07 4.56 25.00
C ILE B 259 -0.88 3.78 26.03
N ARG B 260 -0.80 2.45 25.98
CA ARG B 260 -1.55 1.64 26.94
C ARG B 260 -1.13 1.94 28.38
N LYS B 261 0.15 2.26 28.59
CA LYS B 261 0.59 2.61 29.93
C LYS B 261 0.01 3.95 30.37
N MET B 262 -0.11 4.90 29.44
CA MET B 262 -0.61 6.22 29.80
C MET B 262 -2.11 6.17 30.07
N VAL B 263 -2.85 5.42 29.26
CA VAL B 263 -4.28 5.26 29.49
C VAL B 263 -4.54 4.62 30.85
N ARG B 264 -3.66 3.70 31.26
CA ARG B 264 -3.82 3.04 32.55
C ARG B 264 -3.58 3.99 33.72
N GLY B 265 -2.80 5.04 33.52
CA GLY B 265 -2.55 6.00 34.56
C GLY B 265 -3.49 7.18 34.59
N GLY B 266 -4.50 7.19 33.73
CA GLY B 266 -5.42 8.32 33.65
C GLY B 266 -4.90 9.48 32.83
N ASN B 267 -3.79 9.32 32.12
CA ASN B 267 -3.23 10.39 31.32
C ASN B 267 -3.80 10.27 29.90
N LEU B 268 -5.03 10.76 29.74
CA LEU B 268 -5.78 10.60 28.51
C LEU B 268 -5.64 11.75 27.54
N GLY B 269 -5.02 12.85 27.96
CA GLY B 269 -4.86 14.00 27.08
C GLY B 269 -5.55 15.26 27.57
N CYS B 270 -6.25 15.95 26.66
CA CYS B 270 -6.92 17.19 27.05
C CYS B 270 -8.00 16.96 28.09
N LYS B 271 -8.80 15.90 27.92
CA LYS B 271 -9.94 15.67 28.78
C LYS B 271 -9.53 15.47 30.24
N THR B 272 -8.28 15.12 30.51
CA THR B 272 -7.76 15.00 31.87
C THR B 272 -6.64 15.99 32.16
N GLY B 273 -6.24 16.82 31.20
CA GLY B 273 -5.21 17.82 31.43
C GLY B 273 -3.79 17.32 31.31
N LYS B 274 -3.58 16.04 30.97
CA LYS B 274 -2.23 15.52 30.85
C LYS B 274 -2.26 14.29 29.95
N GLY B 275 -1.48 14.34 28.87
CA GLY B 275 -1.24 13.18 28.03
C GLY B 275 0.21 13.13 27.64
N PHE B 276 0.49 13.32 26.34
CA PHE B 276 1.86 13.61 25.94
C PHE B 276 2.26 15.02 26.32
N TYR B 277 1.28 15.90 26.55
CA TYR B 277 1.50 17.27 26.96
C TYR B 277 0.77 17.53 28.27
N VAL B 278 1.37 18.37 29.12
CA VAL B 278 0.68 18.94 30.27
C VAL B 278 0.05 20.25 29.83
N TYR B 279 -1.24 20.42 30.14
CA TYR B 279 -2.01 21.59 29.71
C TYR B 279 -2.15 22.52 30.91
N ASN B 280 -1.34 23.57 30.88
CA ASN B 280 -1.26 24.51 32.03
C ASN B 280 -2.43 25.49 32.07
N ALA B 281 -2.63 26.13 33.23
CA ALA B 281 -3.75 27.08 33.44
C ALA B 281 -3.76 28.22 32.42
N ASP B 282 -2.59 28.62 31.92
CA ASP B 282 -2.52 29.66 30.87
C ASP B 282 -3.14 29.12 29.59
N ARG B 283 -2.32 28.95 28.56
CA ARG B 283 -2.83 28.35 27.30
C ARG B 283 -1.72 27.47 26.75
N THR B 284 -0.51 27.68 27.23
CA THR B 284 0.60 26.87 26.76
C THR B 284 0.40 25.41 27.13
N LYS B 285 1.08 24.53 26.39
CA LYS B 285 1.13 23.11 26.70
C LYS B 285 2.58 22.66 26.68
N THR B 286 2.94 21.84 27.67
CA THR B 286 4.33 21.44 27.91
C THR B 286 4.49 19.95 27.71
N PRO B 287 5.38 19.50 26.83
CA PRO B 287 5.57 18.06 26.64
C PRO B 287 6.16 17.41 27.88
N VAL B 288 5.66 16.22 28.19
CA VAL B 288 6.07 15.51 29.40
C VAL B 288 7.51 15.01 29.29
N ASP B 289 8.13 15.21 28.13
CA ASP B 289 9.55 14.89 27.93
C ASP B 289 10.41 15.50 29.01
N MET C 2 -2.86 -23.17 -36.98
CA MET C 2 -2.03 -22.25 -36.22
C MET C 2 -0.69 -22.87 -35.85
N LYS C 3 0.35 -22.04 -35.84
CA LYS C 3 1.69 -22.44 -35.43
C LYS C 3 1.99 -21.86 -34.05
N ILE C 4 2.43 -22.72 -33.13
CA ILE C 4 2.65 -22.35 -31.74
C ILE C 4 4.07 -22.72 -31.34
N GLY C 5 4.74 -21.83 -30.63
CA GLY C 5 6.08 -22.10 -30.15
C GLY C 5 6.15 -22.22 -28.64
N VAL C 6 6.58 -23.37 -28.15
CA VAL C 6 6.68 -23.64 -26.72
C VAL C 6 8.15 -23.54 -26.32
N ILE C 7 8.44 -22.69 -25.34
CA ILE C 7 9.80 -22.43 -24.90
C ILE C 7 9.98 -23.15 -23.57
N GLY C 8 10.75 -24.23 -23.58
CA GLY C 8 10.88 -25.11 -22.44
C GLY C 8 10.43 -26.50 -22.80
N ALA C 9 11.17 -27.52 -22.34
CA ALA C 9 10.85 -28.90 -22.70
C ALA C 9 10.75 -29.78 -21.46
N GLY C 10 10.46 -29.20 -20.30
CA GLY C 10 10.26 -29.96 -19.08
C GLY C 10 8.87 -30.57 -19.04
N THR C 11 8.42 -30.86 -17.80
CA THR C 11 7.12 -31.50 -17.64
C THR C 11 6.01 -30.65 -18.22
N MET C 12 6.12 -29.32 -18.14
CA MET C 12 5.04 -28.46 -18.60
C MET C 12 5.21 -28.02 -20.05
N GLY C 13 6.44 -27.77 -20.50
CA GLY C 13 6.66 -27.53 -21.92
C GLY C 13 6.18 -28.70 -22.76
N GLN C 14 6.36 -29.93 -22.26
CA GLN C 14 5.87 -31.11 -22.95
C GLN C 14 4.34 -31.14 -22.96
N GLY C 15 3.72 -30.92 -21.81
CA GLY C 15 2.27 -30.98 -21.74
C GLY C 15 1.59 -29.88 -22.55
N ILE C 16 2.16 -28.68 -22.54
CA ILE C 16 1.59 -27.60 -23.34
C ILE C 16 1.69 -27.93 -24.82
N ALA C 17 2.82 -28.53 -25.24
CA ALA C 17 2.95 -28.97 -26.62
C ALA C 17 1.87 -29.99 -26.98
N LYS C 18 1.67 -30.98 -26.11
CA LYS C 18 0.63 -31.97 -26.34
C LYS C 18 -0.75 -31.31 -26.42
N ALA C 19 -1.01 -30.36 -25.52
CA ALA C 19 -2.32 -29.70 -25.48
C ALA C 19 -2.66 -29.04 -26.80
N PHE C 20 -1.66 -28.48 -27.49
CA PHE C 20 -1.91 -27.87 -28.79
C PHE C 20 -1.90 -28.90 -29.91
N ALA C 21 -0.96 -29.84 -29.88
CA ALA C 21 -0.83 -30.80 -30.97
C ALA C 21 -1.96 -31.82 -31.01
N GLN C 22 -2.65 -32.06 -29.90
CA GLN C 22 -3.75 -33.02 -29.91
C GLN C 22 -5.01 -32.46 -30.52
N VAL C 23 -5.02 -31.18 -30.89
CA VAL C 23 -6.14 -30.55 -31.58
C VAL C 23 -5.74 -30.38 -33.02
N GLU C 24 -6.62 -30.77 -33.93
CA GLU C 24 -6.28 -30.81 -35.34
C GLU C 24 -5.90 -29.43 -35.87
N GLY C 25 -4.98 -29.41 -36.83
CA GLY C 25 -4.61 -28.19 -37.52
C GLY C 25 -3.65 -27.29 -36.78
N ASN C 26 -3.09 -27.72 -35.66
CA ASN C 26 -2.06 -26.97 -34.95
C ASN C 26 -0.70 -27.62 -35.17
N THR C 27 0.34 -26.80 -35.04
CA THR C 27 1.71 -27.25 -35.15
C THR C 27 2.54 -26.58 -34.07
N VAL C 28 3.43 -27.34 -33.44
CA VAL C 28 4.14 -26.92 -32.25
C VAL C 28 5.64 -27.00 -32.48
N ALA C 29 6.38 -26.04 -31.95
CA ALA C 29 7.84 -26.02 -31.98
C ALA C 29 8.33 -26.12 -30.54
N LEU C 30 8.88 -27.26 -30.17
CA LEU C 30 9.45 -27.46 -28.83
C LEU C 30 10.88 -26.95 -28.79
N CYS C 31 11.26 -26.36 -27.66
CA CYS C 31 12.57 -25.73 -27.50
C CYS C 31 13.04 -25.91 -26.07
N ASP C 32 14.37 -25.89 -25.89
CA ASP C 32 14.98 -25.99 -24.56
C ASP C 32 16.38 -25.41 -24.63
N ILE C 33 17.16 -25.64 -23.57
CA ILE C 33 18.54 -25.16 -23.54
C ILE C 33 19.41 -26.02 -24.45
N LYS C 34 19.55 -27.30 -24.11
CA LYS C 34 20.29 -28.25 -24.94
C LYS C 34 19.34 -28.92 -25.92
N GLN C 35 19.75 -28.99 -27.19
CA GLN C 35 18.97 -29.75 -28.17
C GLN C 35 18.76 -31.19 -27.70
N GLU C 36 19.75 -31.76 -27.02
CA GLU C 36 19.58 -33.08 -26.41
C GLU C 36 18.41 -33.08 -25.44
N TRP C 37 18.25 -32.02 -24.64
CA TRP C 37 17.12 -31.95 -23.72
C TRP C 37 15.82 -31.66 -24.47
N ALA C 38 15.89 -30.85 -25.52
CA ALA C 38 14.72 -30.61 -26.36
C ALA C 38 14.33 -31.87 -27.12
N GLU C 39 15.31 -32.66 -27.54
CA GLU C 39 15.01 -33.93 -28.18
C GLU C 39 14.54 -34.95 -27.16
N ASN C 40 15.06 -34.90 -25.94
CA ASN C 40 14.53 -35.71 -24.85
C ASN C 40 13.07 -35.38 -24.59
N GLY C 41 12.65 -34.15 -24.90
CA GLY C 41 11.27 -33.74 -24.76
C GLY C 41 10.34 -34.49 -25.70
N LEU C 42 10.55 -34.34 -27.01
CA LEU C 42 9.75 -35.10 -27.98
C LEU C 42 9.93 -36.60 -27.81
N ALA C 43 11.04 -37.04 -27.21
CA ALA C 43 11.21 -38.45 -26.90
C ALA C 43 10.26 -38.91 -25.81
N LYS C 44 10.27 -38.21 -24.67
CA LYS C 44 9.38 -38.57 -23.58
C LYS C 44 7.90 -38.43 -23.97
N ILE C 45 7.61 -37.62 -24.98
CA ILE C 45 6.24 -37.51 -25.48
C ILE C 45 5.87 -38.73 -26.30
N LYS C 46 6.72 -39.08 -27.29
CA LYS C 46 6.52 -40.32 -28.03
C LYS C 46 6.42 -41.51 -27.10
N LYS C 47 7.20 -41.50 -26.02
CA LYS C 47 7.22 -42.62 -25.08
C LYS C 47 5.87 -42.77 -24.39
N GLY C 48 5.31 -41.66 -23.91
CA GLY C 48 4.03 -41.74 -23.20
C GLY C 48 2.86 -42.11 -24.09
N TYR C 49 2.88 -41.69 -25.35
CA TYR C 49 1.82 -42.05 -26.26
C TYR C 49 1.89 -43.52 -26.65
N GLU C 50 3.09 -44.10 -26.64
CA GLU C 50 3.23 -45.54 -26.89
C GLU C 50 2.51 -46.35 -25.81
N LYS C 51 2.73 -46.00 -24.54
CA LYS C 51 2.04 -46.70 -23.46
C LYS C 51 0.54 -46.52 -23.52
N LEU C 52 0.07 -45.34 -23.95
CA LEU C 52 -1.35 -45.11 -24.06
C LEU C 52 -1.96 -45.89 -25.22
N VAL C 53 -1.23 -45.97 -26.33
CA VAL C 53 -1.70 -46.76 -27.47
C VAL C 53 -1.76 -48.24 -27.11
N ALA C 54 -0.72 -48.74 -26.45
CA ALA C 54 -0.73 -50.13 -25.98
C ALA C 54 -1.90 -50.39 -25.05
N LYS C 55 -2.22 -49.43 -24.17
CA LYS C 55 -3.37 -49.54 -23.30
C LYS C 55 -4.70 -49.27 -24.02
N GLY C 56 -4.67 -49.14 -25.34
CA GLY C 56 -5.87 -48.90 -26.12
C GLY C 56 -6.54 -47.57 -25.91
N LYS C 57 -5.94 -46.67 -25.11
CA LYS C 57 -6.58 -45.39 -24.83
C LYS C 57 -6.49 -44.40 -25.99
N ILE C 58 -5.53 -44.58 -26.89
CA ILE C 58 -5.39 -43.72 -28.06
C ILE C 58 -5.27 -44.57 -29.31
N PRO C 59 -5.89 -44.18 -30.42
CA PRO C 59 -5.55 -44.79 -31.71
C PRO C 59 -4.15 -44.39 -32.14
N GLN C 60 -3.37 -45.38 -32.58
CA GLN C 60 -1.99 -45.12 -33.01
C GLN C 60 -1.94 -44.08 -34.12
N GLU C 61 -2.96 -44.04 -34.98
CA GLU C 61 -3.02 -43.03 -36.03
C GLU C 61 -3.09 -41.63 -35.43
N LYS C 62 -3.85 -41.45 -34.36
CA LYS C 62 -3.95 -40.15 -33.71
C LYS C 62 -2.63 -39.75 -33.07
N ALA C 63 -2.02 -40.66 -32.31
CA ALA C 63 -0.75 -40.36 -31.64
C ALA C 63 0.32 -39.97 -32.65
N ASP C 64 0.47 -40.78 -33.70
CA ASP C 64 1.46 -40.46 -34.74
C ASP C 64 1.16 -39.12 -35.38
N ALA C 65 -0.11 -38.74 -35.47
CA ALA C 65 -0.47 -37.46 -36.07
C ALA C 65 -0.08 -36.30 -35.17
N ILE C 66 -0.22 -36.45 -33.85
CA ILE C 66 0.14 -35.34 -32.97
C ILE C 66 1.66 -35.26 -32.81
N VAL C 67 2.35 -36.41 -32.79
CA VAL C 67 3.80 -36.41 -32.67
C VAL C 67 4.44 -35.83 -33.93
N ALA C 68 3.74 -35.90 -35.07
CA ALA C 68 4.20 -35.29 -36.31
C ALA C 68 4.04 -33.77 -36.33
N ALA C 69 3.20 -33.21 -35.45
CA ALA C 69 3.02 -31.77 -35.38
C ALA C 69 3.99 -31.09 -34.42
N ILE C 70 4.75 -31.85 -33.64
CA ILE C 70 5.74 -31.30 -32.73
C ILE C 70 7.12 -31.45 -33.37
N THR C 71 7.74 -30.31 -33.65
CA THR C 71 9.02 -30.21 -34.31
C THR C 71 10.03 -29.53 -33.38
N PRO C 72 11.07 -30.25 -32.88
CA PRO C 72 11.98 -29.69 -31.90
C PRO C 72 13.00 -28.72 -32.53
N GLY C 73 12.80 -27.42 -32.32
CA GLY C 73 13.77 -26.43 -32.80
C GLY C 73 15.04 -26.47 -31.97
N LEU C 74 15.88 -25.44 -32.08
CA LEU C 74 17.20 -25.49 -31.39
C LEU C 74 17.13 -24.49 -30.24
N LYS C 75 15.92 -24.07 -29.85
CA LYS C 75 15.63 -22.99 -28.86
C LYS C 75 15.01 -21.90 -29.74
N GLU C 76 15.15 -22.06 -31.07
CA GLU C 76 14.51 -21.11 -32.02
C GLU C 76 14.68 -21.63 -33.45
N ASN C 77 15.14 -20.76 -34.39
CA ASN C 77 15.24 -21.13 -35.83
C ASN C 77 13.84 -21.45 -36.32
N LEU C 78 13.08 -22.23 -35.53
CA LEU C 78 11.69 -22.59 -35.88
C LEU C 78 10.74 -21.58 -35.24
N CYS C 79 11.13 -21.02 -34.10
CA CYS C 79 10.28 -20.04 -33.37
C CYS C 79 10.29 -18.69 -34.10
N ALA C 80 10.10 -18.68 -35.41
CA ALA C 80 10.21 -17.41 -36.17
C ALA C 80 8.89 -17.10 -36.89
N ASP C 81 8.14 -18.11 -37.28
CA ASP C 81 6.86 -17.92 -37.93
C ASP C 81 5.69 -18.21 -36.99
N CYS C 82 5.96 -18.62 -35.75
CA CYS C 82 4.90 -18.99 -34.83
C CYS C 82 3.93 -17.84 -34.63
N ASP C 83 2.64 -18.17 -34.59
CA ASP C 83 1.60 -17.17 -34.33
C ASP C 83 1.37 -16.96 -32.84
N LEU C 84 1.94 -17.80 -31.99
CA LEU C 84 1.80 -17.69 -30.55
C LEU C 84 3.02 -18.30 -29.88
N ILE C 85 3.51 -17.62 -28.84
CA ILE C 85 4.61 -18.10 -28.02
C ILE C 85 4.08 -18.42 -26.63
N VAL C 86 4.40 -19.62 -26.14
CA VAL C 86 4.14 -19.98 -24.76
C VAL C 86 5.47 -20.41 -24.15
N GLU C 87 6.02 -19.57 -23.27
CA GLU C 87 7.24 -19.93 -22.57
C GLU C 87 6.90 -20.73 -21.31
N ALA C 88 7.70 -21.76 -21.06
CA ALA C 88 7.58 -22.58 -19.85
C ALA C 88 8.98 -22.89 -19.34
N ALA C 89 9.80 -21.85 -19.24
CA ALA C 89 11.19 -21.98 -18.80
C ALA C 89 11.26 -21.92 -17.28
N PHE C 90 12.46 -21.75 -16.74
CA PHE C 90 12.66 -21.77 -15.30
C PHE C 90 11.98 -20.57 -14.64
N GLU C 91 11.30 -20.82 -13.51
CA GLU C 91 10.56 -19.75 -12.78
C GLU C 91 11.55 -18.77 -12.14
N ASP C 92 12.29 -18.04 -12.96
CA ASP C 92 13.18 -16.97 -12.45
C ASP C 92 12.88 -15.73 -13.28
N MET C 93 12.99 -14.56 -12.69
CA MET C 93 12.56 -13.33 -13.37
C MET C 93 13.50 -12.98 -14.52
N LYS C 94 14.77 -12.71 -14.22
CA LYS C 94 15.71 -12.33 -15.28
C LYS C 94 15.88 -13.42 -16.32
N VAL C 95 15.58 -14.67 -15.97
CA VAL C 95 15.56 -15.74 -16.95
C VAL C 95 14.51 -15.46 -18.02
N LYS C 96 13.31 -15.05 -17.60
CA LYS C 96 12.21 -14.84 -18.53
C LYS C 96 12.36 -13.55 -19.33
N GLN C 97 12.90 -12.48 -18.73
CA GLN C 97 13.21 -11.29 -19.50
C GLN C 97 14.20 -11.61 -20.61
N THR C 98 15.33 -12.22 -20.23
CA THR C 98 16.34 -12.57 -21.23
C THR C 98 15.73 -13.40 -22.34
N THR C 99 15.01 -14.48 -21.98
CA THR C 99 14.37 -15.34 -22.99
C THR C 99 13.44 -14.53 -23.90
N PHE C 100 12.48 -13.81 -23.31
CA PHE C 100 11.62 -12.96 -24.12
C PHE C 100 12.41 -11.86 -24.79
N GLY C 101 13.54 -11.47 -24.20
CA GLY C 101 14.43 -10.53 -24.86
C GLY C 101 15.04 -11.10 -26.13
N GLU C 102 15.69 -12.27 -26.01
CA GLU C 102 16.19 -12.93 -27.22
C GLU C 102 15.08 -13.40 -28.15
N LEU C 103 13.81 -13.28 -27.75
CA LEU C 103 12.70 -13.75 -28.56
C LEU C 103 12.02 -12.65 -29.36
N ASP C 104 12.06 -11.40 -28.89
CA ASP C 104 11.44 -10.31 -29.63
C ASP C 104 12.08 -10.09 -31.00
N LYS C 105 13.34 -10.54 -31.18
CA LYS C 105 13.96 -10.49 -32.49
C LYS C 105 13.54 -11.68 -33.34
N ILE C 106 13.72 -12.87 -32.76
CA ILE C 106 13.53 -14.12 -33.56
C ILE C 106 12.13 -14.22 -34.14
N CYS C 107 11.10 -13.92 -33.35
CA CYS C 107 9.74 -14.20 -33.86
C CYS C 107 9.22 -13.12 -34.80
N LYS C 108 8.16 -13.44 -35.52
CA LYS C 108 7.54 -12.49 -36.48
C LYS C 108 7.01 -11.28 -35.73
N PRO C 109 7.08 -10.08 -36.35
CA PRO C 109 6.49 -8.89 -35.76
C PRO C 109 5.09 -9.11 -35.18
N GLU C 110 4.13 -9.62 -35.97
CA GLU C 110 2.80 -9.87 -35.37
C GLU C 110 2.75 -11.31 -34.84
N CYS C 111 2.99 -11.49 -33.55
CA CYS C 111 2.88 -12.84 -32.97
C CYS C 111 2.73 -12.67 -31.47
N ILE C 112 1.77 -13.39 -30.89
CA ILE C 112 1.39 -13.17 -29.50
C ILE C 112 2.38 -13.84 -28.56
N PHE C 113 2.79 -13.12 -27.52
CA PHE C 113 3.72 -13.60 -26.52
C PHE C 113 2.95 -13.91 -25.25
N ALA C 114 3.00 -15.18 -24.82
CA ALA C 114 2.33 -15.63 -23.62
C ALA C 114 3.31 -16.36 -22.72
N SER C 115 3.18 -16.16 -21.41
CA SER C 115 4.04 -16.80 -20.43
C SER C 115 3.22 -17.75 -19.57
N ASN C 116 3.76 -18.94 -19.34
CA ASN C 116 3.18 -19.93 -18.45
C ASN C 116 3.72 -19.81 -17.02
N THR C 117 4.06 -18.59 -16.58
CA THR C 117 4.63 -18.43 -15.26
C THR C 117 3.61 -18.77 -14.18
N ALA C 118 4.09 -19.26 -13.04
CA ALA C 118 3.19 -19.74 -11.96
C ALA C 118 2.76 -18.62 -11.01
N SER C 119 3.61 -17.62 -10.78
CA SER C 119 3.30 -16.58 -9.78
C SER C 119 4.00 -15.26 -10.08
N LEU C 120 4.92 -15.24 -11.05
CA LEU C 120 5.72 -14.01 -11.29
C LEU C 120 4.86 -12.91 -11.94
N SER C 121 5.29 -11.65 -11.79
CA SER C 121 4.57 -10.50 -12.40
C SER C 121 4.60 -10.57 -13.92
N ILE C 122 3.41 -10.63 -14.52
CA ILE C 122 3.32 -10.56 -15.98
C ILE C 122 3.86 -9.22 -16.48
N THR C 123 3.55 -8.14 -15.74
CA THR C 123 3.96 -6.80 -16.17
C THR C 123 5.47 -6.66 -16.22
N GLU C 124 6.17 -7.15 -15.19
CA GLU C 124 7.62 -6.98 -15.14
C GLU C 124 8.33 -7.89 -16.13
N ILE C 125 7.78 -9.08 -16.39
CA ILE C 125 8.39 -9.98 -17.36
C ILE C 125 8.50 -9.30 -18.73
N GLY C 126 7.39 -8.71 -19.19
CA GLY C 126 7.41 -8.02 -20.46
C GLY C 126 7.47 -6.51 -20.30
N LYS C 127 8.68 -5.96 -20.28
CA LYS C 127 8.87 -4.53 -20.08
C LYS C 127 9.46 -3.85 -21.32
N GLY C 128 10.69 -4.20 -21.70
CA GLY C 128 11.28 -3.62 -22.88
C GLY C 128 10.77 -4.16 -24.19
N LEU C 129 9.77 -5.05 -24.14
CA LEU C 129 9.29 -5.72 -25.34
C LEU C 129 8.61 -4.74 -26.29
N SER C 130 8.54 -5.15 -27.55
CA SER C 130 7.86 -4.38 -28.58
C SER C 130 6.38 -4.69 -28.67
N ARG C 131 5.96 -5.84 -28.18
CA ARG C 131 4.58 -6.29 -28.22
C ARG C 131 4.07 -6.54 -26.81
N PRO C 132 2.74 -6.59 -26.62
CA PRO C 132 2.20 -6.94 -25.31
C PRO C 132 2.69 -8.31 -24.84
N LEU C 133 2.59 -8.52 -23.53
CA LEU C 133 2.91 -9.80 -22.91
C LEU C 133 1.72 -10.20 -22.06
N VAL C 134 1.20 -11.40 -22.30
CA VAL C 134 0.03 -11.89 -21.61
C VAL C 134 0.37 -13.19 -20.89
N GLY C 135 -0.41 -13.49 -19.84
CA GLY C 135 -0.24 -14.72 -19.10
C GLY C 135 -1.23 -15.78 -19.57
N MET C 136 -0.70 -16.96 -19.88
CA MET C 136 -1.51 -18.10 -20.30
C MET C 136 -1.05 -19.28 -19.47
N HIS C 137 -1.72 -19.51 -18.34
CA HIS C 137 -1.24 -20.45 -17.34
C HIS C 137 -1.92 -21.80 -17.52
N PHE C 138 -1.14 -22.82 -17.83
CA PHE C 138 -1.61 -24.20 -17.91
C PHE C 138 -1.44 -24.88 -16.56
N PHE C 139 -1.94 -26.11 -16.45
CA PHE C 139 -1.92 -26.83 -15.19
C PHE C 139 -1.55 -28.28 -15.43
N ASN C 140 -0.62 -28.79 -14.62
CA ASN C 140 -0.11 -30.14 -14.77
C ASN C 140 -1.20 -31.17 -14.48
N PRO C 141 -1.49 -32.10 -15.41
CA PRO C 141 -0.95 -32.25 -16.77
C PRO C 141 -1.68 -31.38 -17.79
N ALA C 142 -0.93 -30.64 -18.61
CA ALA C 142 -1.52 -29.58 -19.42
C ALA C 142 -2.44 -30.12 -20.51
N ASP C 143 -2.22 -31.36 -20.95
CA ASP C 143 -3.08 -31.95 -21.96
C ASP C 143 -4.42 -32.41 -21.42
N ARG C 144 -4.55 -32.51 -20.09
CA ARG C 144 -5.74 -33.05 -19.44
C ARG C 144 -6.50 -32.01 -18.63
N MET C 145 -5.81 -31.23 -17.80
CA MET C 145 -6.47 -30.20 -17.01
C MET C 145 -7.12 -29.16 -17.92
N LYS C 146 -8.40 -28.90 -17.68
CA LYS C 146 -9.21 -28.09 -18.58
C LYS C 146 -9.06 -26.59 -18.35
N LEU C 147 -8.41 -26.16 -17.26
CA LEU C 147 -8.37 -24.75 -16.91
C LEU C 147 -7.20 -24.04 -17.57
N ILE C 148 -7.43 -22.79 -17.96
CA ILE C 148 -6.39 -21.86 -18.36
C ILE C 148 -6.65 -20.54 -17.63
N GLU C 149 -5.66 -20.07 -16.87
CA GLU C 149 -5.74 -18.76 -16.26
C GLU C 149 -5.19 -17.74 -17.25
N VAL C 150 -5.99 -16.71 -17.55
CA VAL C 150 -5.61 -15.64 -18.47
C VAL C 150 -5.31 -14.40 -17.63
N ILE C 151 -4.04 -14.00 -17.60
CA ILE C 151 -3.57 -12.91 -16.75
C ILE C 151 -3.08 -11.78 -17.65
N ALA C 152 -3.55 -10.57 -17.38
CA ALA C 152 -3.15 -9.40 -18.15
C ALA C 152 -2.29 -8.48 -17.28
N GLY C 153 -1.25 -7.93 -17.90
CA GLY C 153 -0.49 -6.89 -17.23
C GLY C 153 -1.19 -5.55 -17.34
N CYS C 154 -0.64 -4.55 -16.63
CA CYS C 154 -1.19 -3.21 -16.71
C CYS C 154 -1.19 -2.69 -18.14
N ASN C 155 -0.19 -3.08 -18.91
CA ASN C 155 -0.05 -2.62 -20.30
C ASN C 155 -0.33 -3.78 -21.26
N THR C 156 -1.46 -4.46 -21.08
CA THR C 156 -1.87 -5.56 -21.93
C THR C 156 -3.24 -5.24 -22.52
N PRO C 157 -3.37 -5.09 -23.85
CA PRO C 157 -4.66 -4.69 -24.42
C PRO C 157 -5.69 -5.80 -24.31
N ALA C 158 -6.94 -5.41 -24.54
CA ALA C 158 -8.03 -6.38 -24.49
C ALA C 158 -8.01 -7.31 -25.70
N GLU C 159 -7.51 -6.84 -26.84
CA GLU C 159 -7.45 -7.69 -28.03
C GLU C 159 -6.58 -8.91 -27.80
N THR C 160 -5.53 -8.77 -26.98
CA THR C 160 -4.67 -9.90 -26.70
C THR C 160 -5.26 -10.82 -25.64
N VAL C 161 -5.92 -10.24 -24.63
CA VAL C 161 -6.59 -11.05 -23.62
C VAL C 161 -7.72 -11.86 -24.25
N GLU C 162 -8.41 -11.27 -25.23
CA GLU C 162 -9.51 -11.98 -25.88
C GLU C 162 -8.97 -13.07 -26.81
N LYS C 163 -7.95 -12.75 -27.61
CA LYS C 163 -7.39 -13.74 -28.51
C LYS C 163 -6.90 -14.97 -27.75
N ILE C 164 -6.33 -14.76 -26.56
CA ILE C 164 -5.95 -15.89 -25.70
C ILE C 164 -7.19 -16.66 -25.26
N LYS C 165 -8.28 -15.94 -24.97
CA LYS C 165 -9.51 -16.61 -24.57
C LYS C 165 -10.07 -17.46 -25.70
N GLU C 166 -9.95 -17.00 -26.95
CA GLU C 166 -10.47 -17.77 -28.07
C GLU C 166 -9.59 -18.99 -28.35
N ILE C 167 -8.29 -18.79 -28.36
CA ILE C 167 -7.35 -19.91 -28.55
C ILE C 167 -7.58 -20.97 -27.48
N SER C 168 -7.90 -20.55 -26.26
CA SER C 168 -8.14 -21.50 -25.17
C SER C 168 -9.33 -22.39 -25.47
N VAL C 169 -10.47 -21.79 -25.84
CA VAL C 169 -11.65 -22.60 -26.14
C VAL C 169 -11.47 -23.38 -27.42
N ALA C 170 -10.64 -22.88 -28.35
CA ALA C 170 -10.39 -23.58 -29.60
C ALA C 170 -9.64 -24.89 -29.39
N ILE C 171 -8.93 -25.04 -28.27
CA ILE C 171 -8.24 -26.28 -27.95
C ILE C 171 -8.94 -27.02 -26.82
N GLY C 172 -10.20 -26.68 -26.55
CA GLY C 172 -11.00 -27.45 -25.62
C GLY C 172 -10.78 -27.12 -24.17
N LYS C 173 -10.20 -25.97 -23.86
CA LYS C 173 -9.96 -25.54 -22.50
C LYS C 173 -11.00 -24.51 -22.08
N ASN C 174 -11.02 -24.20 -20.78
CA ASN C 174 -11.95 -23.24 -20.20
C ASN C 174 -11.16 -22.07 -19.63
N PRO C 175 -11.08 -20.94 -20.35
CA PRO C 175 -10.26 -19.83 -19.85
C PRO C 175 -11.00 -19.01 -18.80
N VAL C 176 -10.32 -18.75 -17.69
CA VAL C 176 -10.81 -17.87 -16.63
C VAL C 176 -9.83 -16.71 -16.52
N GLN C 177 -10.32 -15.49 -16.72
CA GLN C 177 -9.46 -14.32 -16.61
C GLN C 177 -9.25 -13.96 -15.15
N VAL C 178 -8.04 -13.51 -14.83
CA VAL C 178 -7.62 -13.26 -13.46
C VAL C 178 -6.74 -12.01 -13.46
N ASN C 179 -6.98 -11.12 -12.51
CA ASN C 179 -6.16 -9.92 -12.39
C ASN C 179 -4.79 -10.28 -11.82
N GLU C 180 -3.80 -9.46 -12.17
CA GLU C 180 -2.41 -9.73 -11.81
C GLU C 180 -2.20 -9.62 -10.31
N ALA C 181 -1.80 -10.73 -9.69
CA ALA C 181 -1.43 -10.76 -8.29
C ALA C 181 -0.60 -12.01 -8.05
N ALA C 182 0.22 -11.98 -7.00
CA ALA C 182 1.12 -13.09 -6.72
C ALA C 182 0.32 -14.40 -6.57
N GLY C 183 0.61 -15.36 -7.46
CA GLY C 183 -0.01 -16.66 -7.41
C GLY C 183 -1.35 -16.75 -8.13
N PHE C 184 -1.87 -15.63 -8.62
CA PHE C 184 -3.17 -15.59 -9.28
C PHE C 184 -4.23 -16.21 -8.37
N VAL C 185 -4.93 -17.23 -8.83
CA VAL C 185 -5.98 -17.88 -8.05
C VAL C 185 -5.54 -19.26 -7.57
N VAL C 186 -5.28 -20.18 -8.49
CA VAL C 186 -5.11 -21.58 -8.13
C VAL C 186 -3.87 -21.78 -7.28
N ASN C 187 -2.71 -21.30 -7.78
CA ASN C 187 -1.46 -21.50 -7.06
C ASN C 187 -1.48 -20.81 -5.70
N ARG C 188 -2.08 -19.62 -5.62
CA ARG C 188 -2.17 -18.93 -4.35
C ARG C 188 -2.95 -19.76 -3.33
N ILE C 189 -3.91 -20.54 -3.80
CA ILE C 189 -4.71 -21.39 -2.92
C ILE C 189 -4.07 -22.75 -2.73
N LEU C 190 -3.53 -23.34 -3.80
CA LEU C 190 -3.14 -24.74 -3.77
C LEU C 190 -1.78 -24.94 -3.12
N ILE C 191 -0.82 -24.04 -3.35
CA ILE C 191 0.55 -24.27 -2.88
C ILE C 191 0.69 -24.08 -1.37
N PRO C 192 0.07 -23.07 -0.75
CA PRO C 192 0.11 -23.02 0.72
C PRO C 192 -0.57 -24.23 1.35
N MET C 193 -1.59 -24.76 0.70
CA MET C 193 -2.18 -26.03 1.12
C MET C 193 -1.12 -27.11 1.21
N ILE C 194 -0.29 -27.23 0.17
CA ILE C 194 0.83 -28.17 0.22
C ILE C 194 1.82 -27.75 1.32
N ASN C 195 2.11 -26.45 1.39
CA ASN C 195 3.01 -25.96 2.43
C ASN C 195 2.50 -26.30 3.82
N GLU C 196 1.20 -26.08 4.05
CA GLU C 196 0.61 -26.45 5.34
C GLU C 196 0.78 -27.94 5.62
N ALA C 197 0.57 -28.78 4.59
CA ALA C 197 0.70 -30.22 4.80
C ALA C 197 2.10 -30.59 5.26
N ALA C 198 3.13 -29.90 4.75
CA ALA C 198 4.48 -30.20 5.20
C ALA C 198 4.69 -29.76 6.64
N PHE C 199 4.16 -28.59 7.01
CA PHE C 199 4.21 -28.14 8.40
C PHE C 199 3.58 -29.16 9.33
N ILE C 200 2.46 -29.77 8.91
CA ILE C 200 1.79 -30.75 9.75
C ILE C 200 2.68 -31.97 9.97
N LYS C 201 3.38 -32.40 8.93
CA LYS C 201 4.33 -33.50 9.08
C LYS C 201 5.49 -33.10 9.97
N MET C 202 6.04 -31.89 9.76
CA MET C 202 7.20 -31.45 10.51
C MET C 202 6.90 -31.34 12.00
N GLU C 203 5.70 -30.89 12.35
CA GLU C 203 5.30 -30.81 13.75
C GLU C 203 4.74 -32.11 14.29
N GLY C 204 4.76 -33.18 13.50
CA GLY C 204 4.43 -34.50 14.00
C GLY C 204 2.96 -34.75 14.26
N VAL C 205 2.06 -33.95 13.67
CA VAL C 205 0.64 -34.17 13.86
C VAL C 205 0.21 -35.50 13.26
N SER C 206 0.81 -35.88 12.15
CA SER C 206 0.54 -37.14 11.49
C SER C 206 1.73 -37.46 10.59
N ASP C 207 1.73 -38.70 10.07
CA ASP C 207 2.79 -39.12 9.15
C ASP C 207 2.38 -38.80 7.71
N ILE C 208 3.30 -39.04 6.78
CA ILE C 208 3.06 -38.67 5.39
C ILE C 208 1.85 -39.40 4.83
N ALA C 209 1.79 -40.73 5.05
CA ALA C 209 0.65 -41.50 4.57
C ALA C 209 -0.66 -40.96 5.14
N GLY C 210 -0.71 -40.75 6.46
CA GLY C 210 -1.95 -40.31 7.08
C GLY C 210 -2.45 -38.99 6.51
N ILE C 211 -1.55 -38.04 6.32
CA ILE C 211 -1.95 -36.72 5.80
C ILE C 211 -2.58 -36.85 4.43
N ASP C 212 -1.98 -37.67 3.56
CA ASP C 212 -2.48 -37.75 2.19
C ASP C 212 -3.78 -38.54 2.09
N THR C 213 -3.94 -39.63 2.86
CA THR C 213 -5.23 -40.31 2.81
C THR C 213 -6.32 -39.50 3.50
N ALA C 214 -5.94 -38.66 4.47
CA ALA C 214 -6.92 -37.79 5.11
C ALA C 214 -7.52 -36.81 4.10
N MET C 215 -6.67 -36.16 3.31
CA MET C 215 -7.20 -35.21 2.34
C MET C 215 -7.88 -35.89 1.17
N LYS C 216 -7.51 -37.13 0.85
CA LYS C 216 -8.20 -37.84 -0.23
C LYS C 216 -9.54 -38.38 0.23
N LEU C 217 -9.59 -39.00 1.41
CA LEU C 217 -10.82 -39.57 1.93
C LEU C 217 -11.69 -38.58 2.70
N GLY C 218 -11.15 -37.41 3.05
CA GLY C 218 -11.91 -36.44 3.82
C GLY C 218 -12.38 -35.23 3.02
N ALA C 219 -11.66 -34.88 1.96
CA ALA C 219 -12.04 -33.76 1.09
C ALA C 219 -12.25 -34.20 -0.35
N ASN C 220 -12.18 -35.50 -0.62
CA ASN C 220 -12.35 -36.05 -1.97
C ASN C 220 -11.36 -35.45 -2.96
N HIS C 221 -10.16 -35.15 -2.48
CA HIS C 221 -9.12 -34.65 -3.36
C HIS C 221 -8.53 -35.81 -4.15
N PRO C 222 -8.16 -35.59 -5.42
CA PRO C 222 -7.62 -36.70 -6.21
C PRO C 222 -6.25 -37.13 -5.75
N MET C 223 -5.41 -36.21 -5.29
CA MET C 223 -4.11 -36.53 -4.73
C MET C 223 -3.96 -35.84 -3.38
N GLY C 224 -3.34 -36.52 -2.43
CA GLY C 224 -2.96 -35.91 -1.18
C GLY C 224 -2.04 -34.73 -1.43
N PRO C 225 -2.02 -33.76 -0.51
CA PRO C 225 -1.19 -32.57 -0.73
C PRO C 225 0.30 -32.90 -0.82
N LEU C 226 0.74 -33.98 -0.19
CA LEU C 226 2.15 -34.34 -0.27
C LEU C 226 2.47 -35.06 -1.58
N GLU C 227 1.57 -35.94 -2.07
CA GLU C 227 1.74 -36.46 -3.42
C GLU C 227 1.74 -35.32 -4.43
N LEU C 228 0.79 -34.40 -4.30
CA LEU C 228 0.69 -33.29 -5.23
C LEU C 228 1.94 -32.43 -5.21
N GLY C 229 2.56 -32.28 -4.04
CA GLY C 229 3.85 -31.60 -3.98
C GLY C 229 4.90 -32.31 -4.79
N ASP C 230 5.00 -33.64 -4.63
CA ASP C 230 5.95 -34.41 -5.43
C ASP C 230 5.62 -34.34 -6.91
N PHE C 231 4.32 -34.42 -7.24
CA PHE C 231 3.90 -34.39 -8.64
C PHE C 231 4.22 -33.06 -9.30
N ILE C 232 3.94 -31.95 -8.61
CA ILE C 232 4.23 -30.63 -9.17
C ILE C 232 5.73 -30.42 -9.30
N GLY C 233 6.50 -30.96 -8.37
CA GLY C 233 7.90 -30.62 -8.23
C GLY C 233 8.12 -29.73 -7.03
N LEU C 234 8.81 -30.24 -6.01
CA LEU C 234 8.95 -29.49 -4.77
C LEU C 234 9.77 -28.23 -4.98
N ASP C 235 10.69 -28.22 -5.95
CA ASP C 235 11.40 -26.99 -6.28
C ASP C 235 10.42 -25.92 -6.75
N ILE C 236 9.39 -26.32 -7.49
CA ILE C 236 8.39 -25.37 -7.97
C ILE C 236 7.56 -24.84 -6.81
N CYS C 237 7.14 -25.73 -5.90
CA CYS C 237 6.37 -25.29 -4.75
C CYS C 237 7.16 -24.31 -3.89
N LEU C 238 8.44 -24.62 -3.63
CA LEU C 238 9.27 -23.71 -2.85
C LEU C 238 9.37 -22.35 -3.53
N ALA C 239 9.60 -22.34 -4.85
CA ALA C 239 9.74 -21.08 -5.56
C ALA C 239 8.46 -20.25 -5.46
N ILE C 240 7.30 -20.91 -5.50
CA ILE C 240 6.03 -20.19 -5.44
C ILE C 240 5.80 -19.62 -4.04
N MET C 241 6.06 -20.40 -2.99
CA MET C 241 5.95 -19.87 -1.64
C MET C 241 6.89 -18.68 -1.44
N ASP C 242 8.10 -18.76 -2.00
CA ASP C 242 9.04 -17.66 -1.84
C ASP C 242 8.56 -16.42 -2.58
N VAL C 243 8.01 -16.58 -3.78
CA VAL C 243 7.42 -15.45 -4.49
C VAL C 243 6.25 -14.88 -3.69
N LEU C 244 5.41 -15.74 -3.14
CA LEU C 244 4.30 -15.28 -2.32
C LEU C 244 4.82 -14.47 -1.13
N TYR C 245 5.81 -15.01 -0.42
CA TYR C 245 6.33 -14.33 0.75
C TYR C 245 6.94 -12.98 0.39
N HIS C 246 7.71 -12.93 -0.69
CA HIS C 246 8.40 -11.69 -1.04
C HIS C 246 7.46 -10.66 -1.65
N GLU C 247 6.43 -11.10 -2.39
CA GLU C 247 5.52 -10.15 -3.02
C GLU C 247 4.61 -9.48 -2.00
N THR C 248 4.11 -10.24 -1.03
CA THR C 248 3.21 -9.67 -0.02
C THR C 248 3.94 -9.15 1.20
N GLY C 249 5.13 -9.66 1.49
CA GLY C 249 5.80 -9.34 2.73
C GLY C 249 5.14 -9.93 3.96
N ASP C 250 4.23 -10.88 3.77
CA ASP C 250 3.43 -11.44 4.86
C ASP C 250 3.98 -12.80 5.26
N SER C 251 4.37 -12.93 6.53
CA SER C 251 4.89 -14.19 7.05
C SER C 251 3.88 -15.33 6.97
N LYS C 252 2.63 -15.02 6.63
CA LYS C 252 1.63 -16.07 6.40
C LYS C 252 2.08 -17.05 5.32
N TYR C 253 2.90 -16.60 4.37
CA TYR C 253 3.32 -17.42 3.24
C TYR C 253 4.76 -17.91 3.37
N ARG C 254 5.32 -17.92 4.58
CA ARG C 254 6.69 -18.38 4.76
C ARG C 254 6.79 -19.87 4.42
N ALA C 255 7.77 -20.21 3.58
CA ALA C 255 7.92 -21.59 3.14
C ALA C 255 8.28 -22.50 4.31
N CYS C 256 7.71 -23.69 4.31
CA CYS C 256 7.97 -24.65 5.38
C CYS C 256 9.42 -25.10 5.32
N PRO C 257 10.17 -25.01 6.42
CA PRO C 257 11.59 -25.37 6.37
C PRO C 257 11.85 -26.81 5.96
N LEU C 258 10.88 -27.71 6.16
CA LEU C 258 11.06 -29.08 5.72
C LEU C 258 11.14 -29.18 4.20
N ILE C 259 10.36 -28.35 3.49
CA ILE C 259 10.43 -28.37 2.03
C ILE C 259 11.75 -27.78 1.55
N ARG C 260 12.17 -26.67 2.17
CA ARG C 260 13.44 -26.06 1.77
C ARG C 260 14.61 -27.01 2.01
N LYS C 261 14.55 -27.82 3.08
CA LYS C 261 15.58 -28.82 3.31
C LYS C 261 15.56 -29.90 2.24
N MET C 262 14.37 -30.30 1.79
CA MET C 262 14.26 -31.37 0.80
C MET C 262 14.74 -30.89 -0.57
N VAL C 263 14.42 -29.65 -0.93
CA VAL C 263 14.86 -29.10 -2.21
C VAL C 263 16.38 -28.94 -2.23
N ARG C 264 16.97 -28.56 -1.09
CA ARG C 264 18.42 -28.42 -1.02
C ARG C 264 19.12 -29.75 -1.20
N GLY C 265 18.43 -30.87 -0.96
CA GLY C 265 18.99 -32.18 -1.15
C GLY C 265 18.68 -32.84 -2.47
N GLY C 266 17.93 -32.19 -3.35
CA GLY C 266 17.55 -32.79 -4.61
C GLY C 266 16.35 -33.71 -4.54
N ASN C 267 15.69 -33.81 -3.39
CA ASN C 267 14.49 -34.64 -3.23
C ASN C 267 13.29 -33.83 -3.74
N LEU C 268 13.17 -33.77 -5.07
CA LEU C 268 12.19 -32.90 -5.69
C LEU C 268 10.85 -33.55 -5.95
N GLY C 269 10.74 -34.88 -5.81
CA GLY C 269 9.50 -35.59 -6.04
C GLY C 269 9.64 -36.57 -7.20
N CYS C 270 8.60 -36.61 -8.04
CA CYS C 270 8.56 -37.55 -9.15
C CYS C 270 9.75 -37.35 -10.09
N LYS C 271 10.13 -36.10 -10.35
CA LYS C 271 11.15 -35.84 -11.35
C LYS C 271 12.55 -36.24 -10.91
N THR C 272 12.75 -36.56 -9.63
CA THR C 272 14.00 -37.15 -9.16
C THR C 272 13.77 -38.50 -8.47
N GLY C 273 12.59 -39.08 -8.60
CA GLY C 273 12.27 -40.35 -7.99
C GLY C 273 12.12 -40.33 -6.48
N LYS C 274 12.44 -39.21 -5.82
CA LYS C 274 12.34 -39.11 -4.38
C LYS C 274 11.87 -37.71 -4.00
N GLY C 275 10.80 -37.67 -3.19
CA GLY C 275 10.33 -36.45 -2.56
C GLY C 275 9.80 -36.78 -1.18
N PHE C 276 8.50 -36.54 -0.96
CA PHE C 276 7.85 -37.10 0.22
C PHE C 276 7.63 -38.60 0.08
N TYR C 277 7.64 -39.10 -1.14
CA TYR C 277 7.60 -40.53 -1.43
C TYR C 277 8.83 -40.92 -2.24
N VAL C 278 9.21 -42.20 -2.13
CA VAL C 278 10.18 -42.81 -3.03
C VAL C 278 9.40 -43.57 -4.09
N TYR C 279 9.73 -43.33 -5.35
CA TYR C 279 8.98 -43.89 -6.49
C TYR C 279 9.75 -45.08 -7.05
N ASN C 280 9.20 -46.27 -6.85
CA ASN C 280 9.87 -47.51 -7.20
C ASN C 280 9.49 -47.98 -8.59
N ALA C 281 10.32 -48.84 -9.16
CA ALA C 281 10.09 -49.34 -10.55
C ALA C 281 8.79 -50.13 -10.64
N ASP C 282 8.29 -50.66 -9.53
CA ASP C 282 7.01 -51.42 -9.52
C ASP C 282 5.84 -50.49 -9.76
N ARG C 283 6.09 -49.19 -9.98
CA ARG C 283 5.02 -48.18 -10.16
C ARG C 283 4.35 -47.87 -8.81
N THR C 284 4.94 -48.30 -7.69
CA THR C 284 4.43 -47.96 -6.37
C THR C 284 5.30 -46.88 -5.73
N LYS C 285 4.70 -46.11 -4.84
CA LYS C 285 5.41 -45.10 -4.08
C LYS C 285 5.42 -45.47 -2.60
N THR C 286 6.50 -45.08 -1.91
CA THR C 286 6.68 -45.40 -0.50
C THR C 286 7.03 -44.12 0.26
N PRO C 287 6.32 -43.82 1.35
CA PRO C 287 6.65 -42.63 2.13
C PRO C 287 8.04 -42.73 2.73
N VAL C 288 8.78 -41.61 2.71
CA VAL C 288 10.14 -41.61 3.19
C VAL C 288 10.21 -41.84 4.69
N ASP C 289 9.10 -41.57 5.40
CA ASP C 289 9.02 -41.86 6.85
C ASP C 289 8.66 -43.34 7.01
N GLN C 290 8.57 -44.05 5.89
CA GLN C 290 8.23 -45.50 5.91
C GLN C 290 6.90 -45.71 6.62
N1A CAA D . -3.81 -38.84 -22.04
C2A CAA D . -3.71 -39.26 -20.79
N3A CAA D . -4.55 -40.14 -20.27
C4A CAA D . -5.55 -40.65 -21.02
C5A CAA D . -5.68 -40.25 -22.33
C6A CAA D . -4.76 -39.30 -22.83
N6A CAA D . -4.87 -38.84 -24.20
N7A CAA D . -6.75 -40.90 -22.84
C8A CAA D . -7.24 -41.68 -21.88
N9A CAA D . -6.51 -41.56 -20.79
C1B CAA D . -6.75 -42.22 -19.48
C2B CAA D . -6.83 -43.48 -19.35
O2B CAA D . -8.23 -43.86 -19.47
C3B CAA D . -6.39 -43.72 -17.73
O3B CAA D . -7.35 -44.44 -16.98
P3B CAA D . -7.30 -46.08 -16.84
O7A CAA D . -7.87 -46.69 -18.10
O8A CAA D . -8.13 -46.50 -15.66
O9A CAA D . -5.88 -46.56 -16.64
C4B CAA D . -6.51 -42.47 -17.39
O4B CAA D . -5.62 -41.80 -18.42
C5B CAA D . -6.22 -42.04 -15.94
O5B CAA D . -6.98 -40.85 -15.89
P1A CAA D . -6.19 -39.40 -16.05
O1A CAA D . -7.12 -38.26 -15.73
O2A CAA D . -5.56 -39.20 -17.41
O3A CAA D . -5.03 -39.55 -14.91
P2A CAA D . -5.50 -39.97 -13.40
O4A CAA D . -6.98 -39.67 -13.27
O5A CAA D . -5.24 -41.43 -13.12
O6A CAA D . -4.60 -39.05 -12.39
CBP CAA D . -5.14 -36.79 -11.81
CCP CAA D . -5.34 -38.27 -11.51
CDP CAA D . -6.05 -36.35 -12.97
CEP CAA D . -3.68 -36.47 -12.14
CAP CAA D . -5.56 -36.21 -10.48
OAP CAA D . -4.76 -36.83 -9.51
C9P CAA D . -5.38 -34.71 -10.36
O9P CAA D . -6.08 -33.96 -10.96
N8P CAA D . -4.34 -34.24 -9.46
C7P CAA D . -4.14 -32.82 -9.28
C6P CAA D . -3.43 -32.28 -10.51
C5P CAA D . -3.23 -30.79 -10.28
O5P CAA D . -3.70 -30.29 -9.32
N4P CAA D . -2.47 -30.01 -11.23
C3P CAA D . -2.30 -28.60 -10.97
C2P CAA D . -1.27 -28.43 -9.87
S1P CAA D . -0.89 -26.67 -9.81
C1 CAA D . -0.09 -26.23 -11.37
O1 CAA D . 0.22 -27.08 -12.13
C2 CAA D . 0.15 -24.76 -11.69
C3 CAA D . 1.52 -24.29 -11.25
O3 CAA D . 2.03 -23.36 -11.81
C4 CAA D . 2.27 -24.98 -10.12
PA NAD E . 11.21 -28.17 -14.69
O1A NAD E . 11.96 -28.31 -13.38
O2A NAD E . 10.67 -29.53 -15.11
O5B NAD E . 12.25 -27.59 -15.87
C5B NAD E . 11.82 -26.48 -16.64
C4B NAD E . 12.29 -26.72 -18.09
O4B NAD E . 12.52 -25.58 -18.69
C3B NAD E . 13.68 -27.47 -18.03
O3B NAD E . 13.80 -28.29 -19.08
C2B NAD E . 14.70 -26.31 -18.12
O2B NAD E . 16.03 -26.82 -18.58
C1B NAD E . 14.13 -25.56 -19.05
N9A NAD E . 14.65 -24.21 -19.08
C8A NAD E . 15.12 -23.52 -18.04
N7A NAD E . 15.49 -22.32 -18.45
C5A NAD E . 15.27 -22.24 -19.77
C6A NAD E . 15.46 -21.26 -20.75
N6A NAD E . 16.03 -19.96 -20.38
N1A NAD E . 15.13 -21.49 -21.98
C2A NAD E . 14.62 -22.67 -22.31
N3A NAD E . 14.41 -23.62 -21.44
C4A NAD E . 14.73 -23.44 -20.17
O3 NAD E . 9.96 -27.11 -14.50
PN NAD E . 8.54 -27.20 -15.38
O1N NAD E . 7.66 -28.29 -14.81
O2N NAD E . 8.85 -27.55 -16.83
O5D NAD E . 7.76 -25.71 -15.31
C5D NAD E . 8.27 -24.65 -16.17
C4D NAD E . 7.36 -23.36 -15.99
O4D NAD E . 6.15 -23.67 -15.84
C3D NAD E . 7.78 -22.59 -14.67
O3D NAD E . 7.65 -21.23 -14.86
C2D NAD E . 6.77 -23.06 -13.67
O2D NAD E . 6.64 -22.05 -12.56
C1D NAD E . 5.68 -23.10 -14.40
N1N NAD E . 4.67 -23.97 -13.78
C2N NAD E . 5.18 -25.37 -13.57
C3N NAD E . 4.15 -26.23 -12.83
C7N NAD E . 4.64 -27.68 -12.68
O7N NAD E . 5.67 -28.02 -13.13
N7N NAD E . 3.81 -28.69 -11.96
C4N NAD E . 2.80 -26.25 -13.52
C5N NAD E . 2.41 -25.07 -14.40
C6N NAD E . 3.42 -23.93 -14.62
#